data_6R5E
#
_entry.id   6R5E
#
_cell.length_a   110.500
_cell.length_b   117.180
_cell.length_c   152.090
_cell.angle_alpha   90.000
_cell.angle_beta   90.000
_cell.angle_gamma   90.000
#
_symmetry.space_group_name_H-M   'C 2 2 21'
#
loop_
_entity.id
_entity.type
_entity.pdbx_description
1 polymer 'DNA primase small subunit'
2 non-polymer 'ZINC ION'
3 non-polymer 'MANGANESE (II) ION'
4 non-polymer 2-fluoro-ATP
5 non-polymer 1,2-ETHANEDIOL
6 water water
#
_entity_poly.entity_id   1
_entity_poly.type   'polypeptide(L)'
_entity_poly.pdbx_seq_one_letter_code
;GTSMETFDPTELPELLKLYYRRLFPYSQYYRWLNYGGVIKNYFQHREFSFTLKDDIYIRYQSFNNQSDLEKEMQKMNPYK
IDIGAVYSHRPNQHNTVKLGAFQAQEKELVFDIDMTDYDDVRRCCSSADICPKCWTLMTMAIRIIDRALKEDFGFKHRLW
VYSGRRGVHCWVCDESVRKLSSAVRSGIVEYLSLVKGGQDVKKKVHLSEKIHPFIRKSINIIKKYFEEYALVNQDILENK
ESWDKILALVPETIHDELQQSFQKSHNSLQRWEHLKKVASRYQNNIKNDKYGPWLEWEIMLQYCFPRLDINVSKGINHLL
KSPFSVHPKTGRISVPIDLQKVDQFDPFTVPTISFICRELDAISTNEEEKEENEAESDVKHRTRDYKKTSLAPYVKVFEH
FLENLDKSRK
;
_entity_poly.pdbx_strand_id   A,E
#
# COMPACT_ATOMS: atom_id res chain seq x y z
N PRO A 9 -7.38 9.24 -11.78
CA PRO A 9 -7.52 8.74 -13.15
C PRO A 9 -7.25 9.84 -14.18
N THR A 10 -7.40 11.10 -13.75
CA THR A 10 -7.06 12.26 -14.58
C THR A 10 -5.60 12.65 -14.46
N GLU A 11 -4.90 12.20 -13.41
CA GLU A 11 -3.48 12.45 -13.28
C GLU A 11 -2.64 11.57 -14.21
N LEU A 12 -3.21 10.51 -14.75
CA LEU A 12 -2.41 9.53 -15.49
C LEU A 12 -1.75 10.11 -16.72
N PRO A 13 -2.44 10.86 -17.59
CA PRO A 13 -1.79 11.33 -18.83
C PRO A 13 -0.47 12.05 -18.58
N GLU A 14 -0.45 12.96 -17.60
CA GLU A 14 0.79 13.68 -17.29
C GLU A 14 1.89 12.74 -16.83
N LEU A 15 1.53 11.74 -16.02
CA LEU A 15 2.53 10.80 -15.52
C LEU A 15 2.97 9.82 -16.61
N LEU A 16 2.04 9.35 -17.44
CA LEU A 16 2.39 8.45 -18.52
C LEU A 16 3.35 9.12 -19.51
N LYS A 17 3.16 10.40 -19.78
CA LYS A 17 4.05 11.10 -20.71
C LYS A 17 5.48 11.06 -20.21
N LEU A 18 5.71 11.30 -18.92
CA LEU A 18 7.05 11.23 -18.36
C LEU A 18 7.58 9.80 -18.36
N TYR A 19 6.73 8.85 -17.99
CA TYR A 19 7.15 7.45 -17.94
C TYR A 19 7.65 6.97 -19.29
N TYR A 20 6.89 7.23 -20.35
CA TYR A 20 7.28 6.76 -21.68
C TYR A 20 8.43 7.56 -22.26
N ARG A 21 8.70 8.76 -21.74
CA ARG A 21 9.81 9.55 -22.25
C ARG A 21 11.13 9.18 -21.58
N ARG A 22 11.10 8.84 -20.29
CA ARG A 22 12.33 8.72 -19.51
C ARG A 22 12.50 7.42 -18.76
N LEU A 23 11.44 6.62 -18.56
CA LEU A 23 11.54 5.47 -17.67
C LEU A 23 11.27 4.12 -18.33
N PHE A 24 10.39 4.05 -19.32
CA PHE A 24 10.06 2.76 -19.91
C PHE A 24 11.31 2.15 -20.55
N PRO A 25 11.62 0.88 -20.28
CA PRO A 25 12.92 0.30 -20.72
C PRO A 25 12.89 -0.23 -22.15
N TYR A 26 12.91 0.72 -23.10
CA TYR A 26 12.70 0.38 -24.51
C TYR A 26 13.76 -0.59 -25.03
N SER A 27 15.02 -0.37 -24.67
CA SER A 27 16.09 -1.18 -25.25
C SER A 27 15.99 -2.63 -24.80
N GLN A 28 15.67 -2.85 -23.52
CA GLN A 28 15.45 -4.21 -23.03
C GLN A 28 14.18 -4.81 -23.62
N TYR A 29 13.13 -4.00 -23.76
CA TYR A 29 11.87 -4.47 -24.31
C TYR A 29 12.04 -4.96 -25.74
N TYR A 30 12.79 -4.21 -26.56
CA TYR A 30 13.00 -4.61 -27.95
C TYR A 30 13.92 -5.82 -28.04
N ARG A 31 14.96 -5.87 -27.20
CA ARG A 31 15.80 -7.06 -27.14
C ARG A 31 14.95 -8.31 -26.91
N TRP A 32 13.92 -8.19 -26.07
CA TRP A 32 13.02 -9.29 -25.80
C TRP A 32 12.30 -9.71 -27.08
N LEU A 33 11.45 -8.82 -27.59
CA LEU A 33 10.49 -9.19 -28.62
C LEU A 33 11.11 -9.30 -30.00
N ASN A 34 12.33 -8.79 -30.21
CA ASN A 34 13.06 -9.02 -31.45
C ASN A 34 13.75 -10.38 -31.47
N TYR A 35 13.81 -11.07 -30.33
CA TYR A 35 14.38 -12.42 -30.21
C TYR A 35 15.64 -12.58 -31.06
N GLY A 36 16.62 -11.71 -30.80
CA GLY A 36 17.90 -11.80 -31.46
C GLY A 36 17.91 -11.40 -32.91
N GLY A 37 16.76 -11.06 -33.50
CA GLY A 37 16.70 -10.68 -34.89
C GLY A 37 16.97 -11.80 -35.86
N VAL A 38 16.92 -13.05 -35.40
CA VAL A 38 17.29 -14.17 -36.26
C VAL A 38 16.22 -14.40 -37.33
N ILE A 39 14.94 -14.30 -36.96
CA ILE A 39 13.84 -14.59 -37.87
C ILE A 39 13.35 -13.31 -38.50
N LYS A 40 13.21 -13.32 -39.83
CA LYS A 40 12.79 -12.15 -40.57
C LYS A 40 11.41 -11.70 -40.15
N ASN A 41 11.26 -10.41 -39.88
CA ASN A 41 9.98 -9.75 -39.62
C ASN A 41 9.34 -10.19 -38.30
N TYR A 42 10.08 -10.84 -37.41
CA TYR A 42 9.45 -11.36 -36.19
C TYR A 42 8.89 -10.23 -35.32
N PHE A 43 9.64 -9.14 -35.19
CA PHE A 43 9.15 -8.00 -34.42
C PHE A 43 8.13 -7.19 -35.21
N GLN A 44 8.38 -7.01 -36.51
CA GLN A 44 7.49 -6.21 -37.35
C GLN A 44 6.13 -6.86 -37.53
N HIS A 45 6.02 -8.16 -37.32
CA HIS A 45 4.75 -8.86 -37.45
C HIS A 45 4.04 -9.08 -36.11
N ARG A 46 4.57 -8.50 -35.02
CA ARG A 46 3.94 -8.62 -33.71
C ARG A 46 2.77 -7.66 -33.59
N GLU A 47 1.64 -8.16 -33.10
CA GLU A 47 0.54 -7.27 -32.75
C GLU A 47 0.78 -6.66 -31.37
N PHE A 48 0.61 -5.34 -31.29
CA PHE A 48 0.37 -4.65 -30.03
C PHE A 48 -1.03 -4.07 -30.04
N SER A 49 -1.63 -3.96 -28.86
CA SER A 49 -2.91 -3.29 -28.70
C SER A 49 -2.77 -2.24 -27.61
N PHE A 50 -3.11 -1.00 -27.96
CA PHE A 50 -3.04 0.13 -27.04
C PHE A 50 -4.42 0.45 -26.49
N THR A 51 -4.51 0.70 -25.19
CA THR A 51 -5.71 1.27 -24.60
C THR A 51 -5.46 2.75 -24.32
N LEU A 52 -6.38 3.58 -24.77
CA LEU A 52 -6.28 5.02 -24.64
C LEU A 52 -7.19 5.48 -23.50
N LYS A 53 -7.58 6.75 -23.49
CA LYS A 53 -8.53 7.22 -22.49
C LYS A 53 -9.90 6.59 -22.72
N ASP A 54 -10.69 6.53 -21.66
CA ASP A 54 -12.11 6.20 -21.76
C ASP A 54 -12.35 4.77 -22.26
N ASP A 55 -11.45 3.86 -21.93
CA ASP A 55 -11.57 2.44 -22.27
C ASP A 55 -11.59 2.21 -23.78
N ILE A 56 -11.12 3.18 -24.56
CA ILE A 56 -10.99 3.03 -26.00
C ILE A 56 -9.68 2.32 -26.30
N TYR A 57 -9.71 1.33 -27.20
CA TYR A 57 -8.49 0.61 -27.54
C TYR A 57 -8.43 0.34 -29.05
N ILE A 58 -7.22 0.04 -29.51
CA ILE A 58 -6.92 -0.14 -30.93
C ILE A 58 -6.18 -1.47 -31.09
N ARG A 59 -6.70 -2.34 -31.94
CA ARG A 59 -6.08 -3.62 -32.24
C ARG A 59 -5.08 -3.49 -33.39
N TYR A 60 -4.21 -4.49 -33.50
CA TYR A 60 -3.41 -4.70 -34.71
C TYR A 60 -2.48 -3.52 -35.00
N GLN A 61 -1.89 -2.97 -33.94
CA GLN A 61 -0.77 -2.05 -34.10
C GLN A 61 0.51 -2.84 -34.28
N SER A 62 1.42 -2.32 -35.10
CA SER A 62 2.73 -2.94 -35.28
C SER A 62 3.71 -1.87 -35.71
N PHE A 63 4.99 -2.18 -35.54
CA PHE A 63 6.05 -1.18 -35.66
C PHE A 63 7.25 -1.77 -36.37
N ASN A 64 8.03 -0.88 -37.00
CA ASN A 64 9.12 -1.30 -37.86
C ASN A 64 10.38 -1.66 -37.09
N ASN A 65 10.60 -1.02 -35.96
CA ASN A 65 11.85 -1.16 -35.21
C ASN A 65 11.67 -0.45 -33.87
N GLN A 66 12.75 -0.34 -33.11
CA GLN A 66 12.65 0.21 -31.76
C GLN A 66 12.31 1.70 -31.79
N SER A 67 12.92 2.45 -32.71
CA SER A 67 12.63 3.89 -32.77
C SER A 67 11.17 4.13 -33.12
N ASP A 68 10.62 3.34 -34.04
CA ASP A 68 9.22 3.47 -34.40
C ASP A 68 8.32 3.24 -33.18
N LEU A 69 8.62 2.19 -32.40
CA LEU A 69 7.84 1.90 -31.21
C LEU A 69 7.92 3.05 -30.21
N GLU A 70 9.13 3.51 -29.90
CA GLU A 70 9.30 4.63 -28.99
C GLU A 70 8.46 5.82 -29.42
N LYS A 71 8.55 6.17 -30.71
CA LYS A 71 7.85 7.34 -31.22
C LYS A 71 6.35 7.21 -31.04
N GLU A 72 5.80 6.04 -31.39
CA GLU A 72 4.35 5.87 -31.31
C GLU A 72 3.87 5.85 -29.86
N MET A 73 4.61 5.18 -28.97
CA MET A 73 4.22 5.14 -27.57
C MET A 73 4.26 6.53 -26.96
N GLN A 74 5.25 7.34 -27.32
CA GLN A 74 5.35 8.70 -26.79
C GLN A 74 4.35 9.65 -27.44
N LYS A 75 3.85 9.32 -28.64
CA LYS A 75 2.78 10.11 -29.24
C LYS A 75 1.43 9.77 -28.62
N MET A 76 1.16 8.49 -28.40
CA MET A 76 -0.15 8.03 -27.97
C MET A 76 -0.29 7.93 -26.46
N ASN A 77 0.83 7.83 -25.74
CA ASN A 77 0.88 7.63 -24.28
C ASN A 77 -0.28 6.77 -23.81
N PRO A 78 -0.31 5.51 -24.22
CA PRO A 78 -1.42 4.63 -23.88
C PRO A 78 -1.54 4.38 -22.38
N TYR A 79 -2.78 4.25 -21.91
CA TYR A 79 -3.01 3.84 -20.53
C TYR A 79 -2.51 2.43 -20.29
N LYS A 80 -2.67 1.55 -21.28
CA LYS A 80 -2.33 0.15 -21.15
C LYS A 80 -1.79 -0.35 -22.48
N ILE A 81 -0.87 -1.31 -22.41
CA ILE A 81 -0.28 -1.93 -23.58
C ILE A 81 -0.45 -3.44 -23.45
N ASP A 82 -1.05 -4.06 -24.47
CA ASP A 82 -1.18 -5.50 -24.54
C ASP A 82 -0.36 -6.05 -25.71
N ILE A 83 0.21 -7.24 -25.50
CA ILE A 83 0.99 -7.93 -26.52
C ILE A 83 0.17 -9.08 -27.07
N GLY A 84 0.14 -9.21 -28.39
CA GLY A 84 -0.54 -10.33 -29.03
C GLY A 84 0.42 -11.25 -29.75
N ALA A 85 -0.08 -11.92 -30.79
CA ALA A 85 0.71 -12.92 -31.50
C ALA A 85 1.59 -12.28 -32.58
N VAL A 86 2.50 -13.09 -33.12
CA VAL A 86 3.23 -12.75 -34.33
C VAL A 86 2.45 -13.32 -35.51
N TYR A 87 2.15 -12.48 -36.48
CA TYR A 87 1.23 -12.82 -37.56
C TYR A 87 1.99 -13.10 -38.85
N SER A 88 1.23 -13.54 -39.86
CA SER A 88 1.81 -13.86 -41.16
C SER A 88 2.17 -12.60 -41.95
N HIS A 89 1.53 -11.49 -41.63
CA HIS A 89 1.77 -10.20 -42.27
C HIS A 89 1.87 -9.15 -41.17
N ARG A 90 2.29 -7.95 -41.55
CA ARG A 90 2.29 -6.82 -40.64
C ARG A 90 0.87 -6.57 -40.13
N PRO A 91 0.62 -6.65 -38.81
CA PRO A 91 -0.74 -6.38 -38.33
C PRO A 91 -1.33 -5.07 -38.81
N ASN A 92 -0.54 -3.99 -38.84
CA ASN A 92 -1.10 -2.72 -39.29
C ASN A 92 -1.33 -2.67 -40.81
N GLN A 93 -1.17 -3.78 -41.53
CA GLN A 93 -1.52 -3.88 -42.94
C GLN A 93 -2.60 -4.93 -43.20
N HIS A 94 -3.25 -5.43 -42.14
CA HIS A 94 -4.09 -6.61 -42.29
C HIS A 94 -5.29 -6.38 -43.20
N ASN A 95 -5.71 -5.12 -43.39
CA ASN A 95 -6.79 -4.83 -44.31
C ASN A 95 -6.37 -4.90 -45.77
N THR A 96 -5.06 -4.90 -46.05
CA THR A 96 -4.56 -5.06 -47.40
C THR A 96 -4.25 -6.52 -47.74
N VAL A 97 -4.48 -7.43 -46.80
CA VAL A 97 -4.21 -8.86 -47.00
C VAL A 97 -5.50 -9.53 -47.45
N LYS A 98 -5.41 -10.35 -48.49
CA LYS A 98 -6.59 -11.06 -48.97
C LYS A 98 -7.20 -11.87 -47.83
N LEU A 99 -8.52 -11.83 -47.73
CA LEU A 99 -9.21 -12.48 -46.62
C LEU A 99 -8.77 -13.93 -46.49
N GLY A 100 -8.68 -14.39 -45.24
CA GLY A 100 -8.26 -15.74 -44.94
C GLY A 100 -6.76 -15.90 -44.73
N ALA A 101 -5.95 -15.05 -45.36
CA ALA A 101 -4.50 -15.22 -45.29
C ALA A 101 -3.89 -14.60 -44.04
N PHE A 102 -4.58 -13.67 -43.38
CA PHE A 102 -4.03 -13.04 -42.19
C PHE A 102 -4.23 -13.98 -41.01
N GLN A 103 -3.14 -14.53 -40.49
CA GLN A 103 -3.22 -15.61 -39.52
C GLN A 103 -2.13 -15.46 -38.46
N ALA A 104 -2.52 -15.69 -37.20
CA ALA A 104 -1.55 -15.80 -36.13
C ALA A 104 -0.68 -17.03 -36.35
N GLN A 105 0.64 -16.86 -36.19
CA GLN A 105 1.58 -17.95 -36.41
C GLN A 105 2.32 -18.38 -35.16
N GLU A 106 2.74 -17.44 -34.32
CA GLU A 106 3.52 -17.77 -33.13
C GLU A 106 3.18 -16.81 -32.00
N LYS A 107 3.30 -17.31 -30.77
CA LYS A 107 3.17 -16.47 -29.59
C LYS A 107 3.69 -17.24 -28.39
N GLU A 108 4.27 -16.50 -27.44
CA GLU A 108 4.64 -17.07 -26.16
C GLU A 108 3.47 -17.85 -25.57
N LEU A 109 3.77 -18.95 -24.90
CA LEU A 109 2.79 -19.63 -24.05
C LEU A 109 2.65 -18.82 -22.77
N VAL A 110 1.44 -18.36 -22.47
CA VAL A 110 1.25 -17.46 -21.34
C VAL A 110 0.27 -18.07 -20.35
N PHE A 111 0.36 -17.60 -19.12
CA PHE A 111 -0.53 -17.96 -18.03
C PHE A 111 -0.95 -16.69 -17.30
N ASP A 112 -2.19 -16.67 -16.83
CA ASP A 112 -2.75 -15.54 -16.09
C ASP A 112 -3.48 -16.12 -14.89
N ILE A 113 -3.02 -15.75 -13.70
CA ILE A 113 -3.60 -16.24 -12.45
C ILE A 113 -4.20 -15.06 -11.71
N ASP A 114 -5.46 -15.22 -11.29
CA ASP A 114 -6.23 -14.15 -10.65
C ASP A 114 -6.63 -14.61 -9.25
N MET A 115 -6.27 -13.83 -8.23
N MET A 115 -6.25 -13.82 -8.24
CA MET A 115 -6.63 -14.24 -6.87
CA MET A 115 -6.62 -14.12 -6.86
C MET A 115 -8.14 -14.29 -6.69
C MET A 115 -8.12 -14.26 -6.69
N THR A 116 -8.89 -13.54 -7.50
CA THR A 116 -10.35 -13.59 -7.41
C THR A 116 -10.87 -15.01 -7.60
N ASP A 117 -10.18 -15.83 -8.39
CA ASP A 117 -10.61 -17.20 -8.62
C ASP A 117 -10.53 -18.07 -7.37
N TYR A 118 -9.95 -17.56 -6.28
CA TYR A 118 -9.81 -18.31 -5.03
C TYR A 118 -10.79 -17.85 -3.96
N ASP A 119 -11.78 -17.01 -4.29
CA ASP A 119 -12.58 -16.38 -3.25
C ASP A 119 -13.26 -17.41 -2.36
N ASP A 120 -13.57 -18.59 -2.89
CA ASP A 120 -14.23 -19.62 -2.08
C ASP A 120 -13.29 -20.21 -1.02
N VAL A 121 -11.99 -19.96 -1.10
CA VAL A 121 -11.06 -20.54 -0.14
C VAL A 121 -10.18 -19.47 0.49
N ARG A 122 -10.51 -18.19 0.26
CA ARG A 122 -9.92 -17.06 0.95
C ARG A 122 -10.90 -16.50 1.97
N ARG A 123 -10.42 -16.17 3.17
CA ARG A 123 -11.26 -15.52 4.17
C ARG A 123 -10.96 -14.03 4.34
N CYS A 124 -9.76 -13.58 3.94
CA CYS A 124 -9.33 -12.21 4.22
C CYS A 124 -9.84 -11.22 3.18
N CYS A 125 -9.91 -11.62 1.92
CA CYS A 125 -10.18 -10.72 0.81
C CYS A 125 -11.22 -11.34 -0.12
N SER A 126 -11.82 -10.49 -0.94
CA SER A 126 -12.67 -10.94 -2.03
C SER A 126 -12.51 -10.00 -3.21
N SER A 127 -13.00 -10.45 -4.37
CA SER A 127 -13.04 -9.64 -5.60
C SER A 127 -11.58 -9.33 -5.97
N ALA A 128 -11.24 -8.09 -6.31
CA ALA A 128 -9.91 -7.75 -6.78
C ALA A 128 -8.94 -7.42 -5.66
N ASP A 129 -9.37 -7.50 -4.40
CA ASP A 129 -8.49 -7.22 -3.28
C ASP A 129 -7.46 -8.33 -3.11
N ILE A 130 -6.28 -7.94 -2.63
CA ILE A 130 -5.25 -8.87 -2.20
C ILE A 130 -4.63 -8.32 -0.94
N CYS A 131 -3.98 -9.19 -0.17
CA CYS A 131 -3.30 -8.78 1.05
C CYS A 131 -2.22 -9.79 1.36
N PRO A 132 -1.34 -9.51 2.32
CA PRO A 132 -0.24 -10.43 2.62
C PRO A 132 -0.70 -11.77 3.16
N LYS A 133 -1.92 -11.87 3.69
CA LYS A 133 -2.39 -13.14 4.26
C LYS A 133 -2.89 -14.10 3.20
N CYS A 134 -3.18 -13.62 1.98
CA CYS A 134 -3.54 -14.50 0.87
C CYS A 134 -2.54 -14.50 -0.27
N TRP A 135 -1.58 -13.56 -0.30
CA TRP A 135 -0.63 -13.56 -1.41
C TRP A 135 0.16 -14.86 -1.50
N THR A 136 0.30 -15.58 -0.38
CA THR A 136 0.99 -16.86 -0.40
C THR A 136 0.37 -17.83 -1.41
N LEU A 137 -0.91 -17.66 -1.75
CA LEU A 137 -1.50 -18.47 -2.81
C LEU A 137 -0.73 -18.30 -4.12
N MET A 138 -0.32 -17.07 -4.42
CA MET A 138 0.46 -16.81 -5.62
C MET A 138 1.87 -17.38 -5.50
N THR A 139 2.46 -17.29 -4.31
CA THR A 139 3.77 -17.91 -4.10
C THR A 139 3.72 -19.40 -4.43
N MET A 140 2.68 -20.08 -3.95
CA MET A 140 2.54 -21.51 -4.22
C MET A 140 2.24 -21.77 -5.69
N ALA A 141 1.44 -20.91 -6.31
CA ALA A 141 1.13 -21.09 -7.73
C ALA A 141 2.40 -20.97 -8.58
N ILE A 142 3.21 -19.95 -8.33
CA ILE A 142 4.47 -19.78 -9.07
C ILE A 142 5.33 -21.03 -8.90
N ARG A 143 5.52 -21.47 -7.66
CA ARG A 143 6.41 -22.60 -7.41
C ARG A 143 5.90 -23.87 -8.08
N ILE A 144 4.59 -24.11 -8.01
CA ILE A 144 4.03 -25.34 -8.58
C ILE A 144 4.11 -25.31 -10.10
N ILE A 145 3.65 -24.20 -10.71
CA ILE A 145 3.60 -24.14 -12.17
C ILE A 145 5.02 -24.06 -12.75
N ASP A 146 5.87 -23.23 -12.16
CA ASP A 146 7.23 -23.08 -12.71
C ASP A 146 7.99 -24.39 -12.64
N ARG A 147 7.87 -25.13 -11.52
CA ARG A 147 8.53 -26.42 -11.43
C ARG A 147 8.10 -27.34 -12.56
N ALA A 148 6.79 -27.38 -12.84
CA ALA A 148 6.29 -28.26 -13.89
C ALA A 148 6.80 -27.81 -15.26
N LEU A 149 6.73 -26.50 -15.54
CA LEU A 149 7.19 -26.01 -16.83
C LEU A 149 8.68 -26.30 -17.02
N LYS A 150 9.47 -26.09 -15.97
CA LYS A 150 10.92 -26.32 -16.05
C LYS A 150 11.23 -27.81 -16.09
N GLU A 151 10.74 -28.57 -15.11
CA GLU A 151 11.18 -29.94 -14.93
C GLU A 151 10.40 -30.95 -15.77
N ASP A 152 9.06 -30.83 -15.82
CA ASP A 152 8.28 -31.81 -16.55
C ASP A 152 8.29 -31.55 -18.06
N PHE A 153 8.25 -30.28 -18.46
CA PHE A 153 8.17 -29.93 -19.87
C PHE A 153 9.51 -29.46 -20.46
N GLY A 154 10.50 -29.14 -19.62
CA GLY A 154 11.79 -28.74 -20.13
C GLY A 154 11.84 -27.34 -20.73
N PHE A 155 10.89 -26.47 -20.38
CA PHE A 155 10.91 -25.11 -20.89
C PHE A 155 11.91 -24.27 -20.09
N LYS A 156 12.81 -23.59 -20.80
CA LYS A 156 13.96 -22.97 -20.18
C LYS A 156 13.83 -21.46 -19.96
N HIS A 157 12.91 -20.79 -20.64
CA HIS A 157 12.84 -19.33 -20.64
C HIS A 157 11.47 -18.88 -20.17
N ARG A 158 11.37 -18.58 -18.87
CA ARG A 158 10.09 -18.34 -18.22
C ARG A 158 10.18 -17.02 -17.47
N LEU A 159 9.31 -16.07 -17.85
CA LEU A 159 9.28 -14.74 -17.26
C LEU A 159 8.01 -14.60 -16.44
N TRP A 160 8.17 -14.49 -15.12
CA TRP A 160 7.04 -14.30 -14.23
C TRP A 160 6.88 -12.80 -13.92
N VAL A 161 5.65 -12.32 -13.94
CA VAL A 161 5.35 -10.89 -13.87
C VAL A 161 4.18 -10.67 -12.92
N TYR A 162 4.29 -9.63 -12.09
CA TYR A 162 3.15 -9.17 -11.31
C TYR A 162 2.19 -8.42 -12.22
N SER A 163 0.91 -8.79 -12.18
CA SER A 163 -0.05 -8.20 -13.11
C SER A 163 -0.47 -6.79 -12.73
N GLY A 164 -0.14 -6.34 -11.52
CA GLY A 164 -0.41 -4.97 -11.13
C GLY A 164 -1.61 -4.78 -10.22
N ARG A 165 -2.44 -5.82 -10.06
CA ARG A 165 -3.59 -5.69 -9.17
C ARG A 165 -3.85 -6.97 -8.37
N ARG A 166 -4.12 -8.09 -9.04
CA ARG A 166 -4.68 -9.24 -8.32
C ARG A 166 -4.03 -10.58 -8.64
N GLY A 167 -2.83 -10.60 -9.23
CA GLY A 167 -2.18 -11.88 -9.45
C GLY A 167 -0.89 -11.76 -10.25
N VAL A 168 -0.60 -12.84 -11.00
CA VAL A 168 0.67 -12.96 -11.70
C VAL A 168 0.46 -13.51 -13.11
N HIS A 169 1.46 -13.25 -13.96
CA HIS A 169 1.53 -13.78 -15.31
C HIS A 169 2.80 -14.59 -15.46
N CYS A 170 2.80 -15.53 -16.40
CA CYS A 170 4.03 -16.17 -16.83
C CYS A 170 4.08 -16.16 -18.36
N TRP A 171 5.26 -15.79 -18.89
CA TRP A 171 5.54 -15.79 -20.31
C TRP A 171 6.57 -16.89 -20.57
N VAL A 172 6.19 -17.95 -21.27
CA VAL A 172 7.10 -19.01 -21.66
C VAL A 172 7.54 -18.76 -23.10
N CYS A 173 8.83 -18.57 -23.31
CA CYS A 173 9.33 -17.94 -24.52
C CYS A 173 10.32 -18.78 -25.34
N ASP A 174 10.52 -20.05 -25.00
CA ASP A 174 11.40 -20.90 -25.82
C ASP A 174 10.93 -20.90 -27.27
N GLU A 175 11.88 -21.00 -28.21
CA GLU A 175 11.51 -20.82 -29.62
C GLU A 175 10.51 -21.88 -30.08
N SER A 176 10.64 -23.11 -29.60
CA SER A 176 9.66 -24.13 -29.98
C SER A 176 8.34 -23.98 -29.24
N VAL A 177 8.38 -23.46 -28.00
CA VAL A 177 7.14 -23.17 -27.30
C VAL A 177 6.31 -22.15 -28.09
N ARG A 178 6.98 -21.16 -28.67
CA ARG A 178 6.26 -20.10 -29.38
C ARG A 178 5.52 -20.61 -30.60
N LYS A 179 5.91 -21.77 -31.13
CA LYS A 179 5.26 -22.36 -32.29
C LYS A 179 4.11 -23.28 -31.93
N LEU A 180 3.83 -23.49 -30.64
CA LEU A 180 2.85 -24.49 -30.24
C LEU A 180 1.45 -24.13 -30.73
N SER A 181 0.72 -25.15 -31.17
CA SER A 181 -0.67 -24.96 -31.57
C SER A 181 -1.55 -24.72 -30.36
N SER A 182 -2.73 -24.16 -30.61
CA SER A 182 -3.71 -23.98 -29.54
C SER A 182 -4.11 -25.33 -28.94
N ALA A 183 -4.22 -26.37 -29.76
CA ALA A 183 -4.58 -27.69 -29.24
C ALA A 183 -3.54 -28.19 -28.25
N VAL A 184 -2.26 -27.98 -28.54
CA VAL A 184 -1.20 -28.44 -27.64
C VAL A 184 -1.17 -27.58 -26.39
N ARG A 185 -1.35 -26.26 -26.54
CA ARG A 185 -1.45 -25.37 -25.39
C ARG A 185 -2.55 -25.83 -24.45
N SER A 186 -3.72 -26.18 -25.00
N SER A 186 -3.72 -26.18 -25.00
CA SER A 186 -4.81 -26.69 -24.18
CA SER A 186 -4.81 -26.70 -24.17
C SER A 186 -4.38 -27.96 -23.43
C SER A 186 -4.38 -27.96 -23.42
N GLY A 187 -3.64 -28.84 -24.10
CA GLY A 187 -3.17 -30.05 -23.44
C GLY A 187 -2.26 -29.74 -22.26
N ILE A 188 -1.38 -28.74 -22.41
CA ILE A 188 -0.50 -28.35 -21.33
C ILE A 188 -1.32 -27.84 -20.15
N VAL A 189 -2.32 -26.98 -20.43
CA VAL A 189 -3.18 -26.47 -19.37
C VAL A 189 -3.83 -27.63 -18.62
N GLU A 190 -4.35 -28.62 -19.34
CA GLU A 190 -5.02 -29.74 -18.69
C GLU A 190 -4.05 -30.52 -17.81
N TYR A 191 -2.82 -30.73 -18.28
CA TYR A 191 -1.82 -31.40 -17.46
C TYR A 191 -1.62 -30.68 -16.14
N LEU A 192 -1.64 -29.35 -16.15
CA LEU A 192 -1.35 -28.54 -14.99
C LEU A 192 -2.57 -28.32 -14.07
N SER A 193 -3.76 -28.80 -14.44
CA SER A 193 -5.00 -28.42 -13.78
C SER A 193 -5.54 -29.54 -12.91
N LEU A 194 -6.02 -29.19 -11.72
CA LEU A 194 -6.63 -30.14 -10.80
C LEU A 194 -7.92 -29.62 -10.17
N VAL A 195 -8.08 -28.31 -10.01
CA VAL A 195 -9.27 -27.74 -9.38
C VAL A 195 -10.29 -27.47 -10.48
N LYS A 196 -11.40 -28.19 -10.45
CA LYS A 196 -12.40 -28.12 -11.51
C LYS A 196 -13.79 -27.94 -10.91
N GLY A 197 -14.61 -27.12 -11.57
CA GLY A 197 -15.97 -26.89 -11.13
C GLY A 197 -16.23 -25.44 -10.76
N GLY A 198 -17.38 -24.93 -11.18
CA GLY A 198 -17.78 -23.58 -10.82
C GLY A 198 -18.30 -23.51 -9.41
N GLN A 199 -19.06 -22.45 -9.14
CA GLN A 199 -19.64 -22.27 -7.80
C GLN A 199 -20.72 -23.29 -7.51
N ASP A 200 -21.26 -23.96 -8.53
CA ASP A 200 -22.25 -25.01 -8.32
C ASP A 200 -21.64 -26.26 -7.69
N VAL A 201 -20.32 -26.45 -7.82
CA VAL A 201 -19.66 -27.68 -7.39
C VAL A 201 -18.93 -27.41 -6.09
N LYS A 202 -19.25 -28.21 -5.07
CA LYS A 202 -18.64 -28.01 -3.75
C LYS A 202 -17.24 -28.63 -3.70
N LYS A 203 -17.12 -29.89 -4.11
CA LYS A 203 -15.85 -30.60 -4.10
C LYS A 203 -15.23 -30.50 -5.49
N LYS A 204 -14.06 -29.84 -5.57
CA LYS A 204 -13.45 -29.48 -6.84
C LYS A 204 -12.22 -30.30 -7.18
N VAL A 205 -11.78 -31.19 -6.30
CA VAL A 205 -10.58 -32.00 -6.52
C VAL A 205 -10.92 -33.44 -6.22
N HIS A 206 -10.61 -34.33 -7.16
CA HIS A 206 -10.82 -35.77 -7.00
C HIS A 206 -9.58 -36.49 -7.51
N LEU A 207 -8.91 -37.22 -6.61
CA LEU A 207 -7.66 -37.88 -6.93
C LEU A 207 -7.85 -39.37 -7.17
N SER A 208 -7.02 -39.92 -8.05
CA SER A 208 -7.00 -41.36 -8.31
C SER A 208 -6.20 -42.08 -7.24
N GLU A 209 -6.30 -43.41 -7.25
CA GLU A 209 -5.62 -44.21 -6.23
C GLU A 209 -4.11 -44.01 -6.29
N LYS A 210 -3.53 -44.04 -7.48
CA LYS A 210 -2.10 -43.83 -7.66
C LYS A 210 -1.88 -42.41 -8.19
N ILE A 211 -1.10 -41.65 -7.43
N ILE A 211 -1.17 -41.60 -7.41
CA ILE A 211 -0.89 -40.22 -7.70
CA ILE A 211 -1.02 -40.19 -7.78
C ILE A 211 0.21 -40.06 -8.75
C ILE A 211 0.16 -40.04 -8.72
N HIS A 212 -0.06 -39.24 -9.76
CA HIS A 212 0.97 -38.93 -10.74
C HIS A 212 2.06 -38.05 -10.10
N PRO A 213 3.31 -38.17 -10.56
CA PRO A 213 4.40 -37.39 -9.94
C PRO A 213 4.15 -35.89 -9.91
N PHE A 214 3.47 -35.34 -10.92
CA PHE A 214 3.17 -33.91 -10.89
C PHE A 214 2.32 -33.56 -9.68
N ILE A 215 1.39 -34.44 -9.32
CA ILE A 215 0.52 -34.20 -8.19
C ILE A 215 1.29 -34.36 -6.88
N ARG A 216 2.12 -35.42 -6.78
CA ARG A 216 2.92 -35.61 -5.58
C ARG A 216 3.83 -34.41 -5.34
N LYS A 217 4.55 -33.98 -6.37
CA LYS A 217 5.47 -32.86 -6.20
C LYS A 217 4.74 -31.57 -5.89
N SER A 218 3.53 -31.39 -6.43
CA SER A 218 2.76 -30.21 -6.11
C SER A 218 2.28 -30.24 -4.66
N ILE A 219 1.81 -31.40 -4.20
CA ILE A 219 1.39 -31.55 -2.80
C ILE A 219 2.55 -31.23 -1.87
N ASN A 220 3.75 -31.69 -2.20
CA ASN A 220 4.90 -31.47 -1.33
C ASN A 220 5.28 -29.99 -1.26
N ILE A 221 5.04 -29.24 -2.33
CA ILE A 221 5.27 -27.79 -2.28
C ILE A 221 4.26 -27.15 -1.32
N ILE A 222 2.99 -27.53 -1.45
CA ILE A 222 1.95 -26.98 -0.58
C ILE A 222 2.25 -27.30 0.88
N LYS A 223 2.74 -28.51 1.14
CA LYS A 223 3.00 -28.92 2.52
C LYS A 223 3.98 -27.99 3.22
N LYS A 224 4.90 -27.38 2.48
CA LYS A 224 5.87 -26.47 3.10
C LYS A 224 5.18 -25.21 3.62
N TYR A 225 4.08 -24.79 2.97
CA TYR A 225 3.40 -23.56 3.32
C TYR A 225 2.09 -23.74 4.07
N PHE A 226 1.54 -24.96 4.09
CA PHE A 226 0.14 -25.12 4.46
C PHE A 226 -0.12 -24.70 5.90
N GLU A 227 0.82 -24.98 6.81
CA GLU A 227 0.58 -24.65 8.22
C GLU A 227 0.48 -23.14 8.41
N GLU A 228 1.51 -22.41 8.02
CA GLU A 228 1.49 -20.96 8.20
C GLU A 228 0.35 -20.31 7.40
N TYR A 229 0.16 -20.74 6.15
CA TYR A 229 -0.85 -20.09 5.31
C TYR A 229 -2.26 -20.46 5.74
N ALA A 230 -2.57 -21.77 5.75
CA ALA A 230 -3.95 -22.21 5.90
C ALA A 230 -4.39 -22.30 7.35
N LEU A 231 -3.53 -22.79 8.24
CA LEU A 231 -3.95 -23.02 9.62
C LEU A 231 -3.81 -21.78 10.49
N VAL A 232 -2.79 -20.96 10.24
CA VAL A 232 -2.56 -19.75 11.02
C VAL A 232 -3.18 -18.55 10.33
N ASN A 233 -2.64 -18.14 9.18
CA ASN A 233 -3.06 -16.89 8.56
C ASN A 233 -4.52 -16.94 8.14
N GLN A 234 -4.95 -18.03 7.48
CA GLN A 234 -6.35 -18.16 7.08
C GLN A 234 -7.21 -18.78 8.18
N ASP A 235 -6.61 -19.54 9.10
CA ASP A 235 -7.34 -20.12 10.22
C ASP A 235 -8.58 -20.86 9.73
N ILE A 236 -8.35 -21.79 8.79
CA ILE A 236 -9.47 -22.39 8.05
C ILE A 236 -10.35 -23.29 8.91
N LEU A 237 -9.90 -23.65 10.10
CA LEU A 237 -10.70 -24.44 11.05
C LEU A 237 -10.95 -23.64 12.33
N GLU A 238 -10.99 -22.31 12.21
CA GLU A 238 -11.13 -21.46 13.38
C GLU A 238 -12.37 -21.80 14.19
N ASN A 239 -13.50 -22.00 13.50
CA ASN A 239 -14.79 -22.16 14.15
C ASN A 239 -15.68 -22.99 13.24
N LYS A 240 -16.91 -23.23 13.69
CA LYS A 240 -17.78 -24.13 12.95
C LYS A 240 -18.16 -23.58 11.58
N GLU A 241 -18.33 -22.26 11.46
CA GLU A 241 -18.63 -21.71 10.14
C GLU A 241 -17.47 -21.94 9.17
N SER A 242 -16.24 -21.93 9.68
CA SER A 242 -15.08 -22.21 8.84
C SER A 242 -14.92 -23.71 8.58
N TRP A 243 -14.94 -24.53 9.63
CA TRP A 243 -14.63 -25.94 9.44
C TRP A 243 -15.76 -26.71 8.77
N ASP A 244 -16.97 -26.13 8.67
CA ASP A 244 -18.03 -26.80 7.92
C ASP A 244 -17.73 -26.83 6.43
N LYS A 245 -17.10 -25.77 5.91
CA LYS A 245 -16.72 -25.76 4.50
C LYS A 245 -15.77 -26.90 4.19
N ILE A 246 -14.92 -27.27 5.15
CA ILE A 246 -13.98 -28.38 4.94
C ILE A 246 -14.69 -29.72 5.06
N LEU A 247 -15.66 -29.83 5.99
CA LEU A 247 -16.42 -31.06 6.10
C LEU A 247 -17.23 -31.34 4.84
N ALA A 248 -17.63 -30.29 4.12
CA ALA A 248 -18.33 -30.48 2.85
C ALA A 248 -17.49 -31.21 1.81
N LEU A 249 -16.18 -31.35 2.04
CA LEU A 249 -15.29 -31.99 1.09
C LEU A 249 -14.97 -33.43 1.44
N VAL A 250 -15.51 -33.96 2.53
CA VAL A 250 -15.23 -35.34 2.92
C VAL A 250 -16.56 -36.08 3.08
N PRO A 251 -16.54 -37.41 3.17
CA PRO A 251 -17.79 -38.16 3.28
C PRO A 251 -18.55 -37.86 4.56
N GLU A 252 -19.88 -37.90 4.47
CA GLU A 252 -20.73 -37.62 5.61
C GLU A 252 -20.46 -38.57 6.77
N THR A 253 -20.17 -39.83 6.47
CA THR A 253 -20.04 -40.84 7.51
C THR A 253 -18.96 -40.54 8.54
N ILE A 254 -18.10 -39.55 8.29
CA ILE A 254 -17.09 -39.15 9.27
C ILE A 254 -17.31 -37.75 9.81
N HIS A 255 -18.40 -37.08 9.42
CA HIS A 255 -18.67 -35.75 9.94
C HIS A 255 -18.82 -35.76 11.46
N ASP A 256 -19.70 -36.63 11.98
CA ASP A 256 -19.93 -36.68 13.42
C ASP A 256 -18.62 -36.78 14.19
N GLU A 257 -17.77 -37.75 13.82
CA GLU A 257 -16.51 -37.92 14.53
C GLU A 257 -15.65 -36.67 14.46
N LEU A 258 -15.58 -36.04 13.28
CA LEU A 258 -14.75 -34.84 13.15
C LEU A 258 -15.38 -33.66 13.89
N GLN A 259 -16.71 -33.53 13.84
CA GLN A 259 -17.39 -32.50 14.63
C GLN A 259 -16.96 -32.54 16.09
N GLN A 260 -17.02 -33.73 16.69
CA GLN A 260 -16.74 -33.85 18.13
C GLN A 260 -15.29 -33.52 18.44
N SER A 261 -14.35 -33.94 17.58
CA SER A 261 -12.94 -33.66 17.81
C SER A 261 -12.65 -32.17 17.64
N PHE A 262 -13.29 -31.53 16.66
CA PHE A 262 -13.07 -30.09 16.45
C PHE A 262 -13.52 -29.29 17.66
N GLN A 263 -14.66 -29.65 18.26
CA GLN A 263 -15.16 -28.92 19.42
C GLN A 263 -14.29 -29.18 20.65
N LYS A 264 -13.66 -30.34 20.73
CA LYS A 264 -12.77 -30.66 21.83
C LYS A 264 -11.34 -30.15 21.60
N SER A 265 -11.04 -29.59 20.43
CA SER A 265 -9.74 -29.02 20.14
C SER A 265 -9.75 -27.50 20.31
N HIS A 266 -8.55 -26.92 20.38
CA HIS A 266 -8.40 -25.52 20.74
C HIS A 266 -8.02 -24.61 19.58
N ASN A 267 -7.48 -25.13 18.49
CA ASN A 267 -7.06 -24.28 17.38
C ASN A 267 -7.00 -25.10 16.10
N SER A 268 -6.86 -24.40 14.97
CA SER A 268 -6.84 -25.05 13.67
C SER A 268 -5.71 -26.07 13.55
N LEU A 269 -4.56 -25.77 14.14
CA LEU A 269 -3.45 -26.72 14.10
C LEU A 269 -3.88 -28.07 14.67
N GLN A 270 -4.54 -28.07 15.83
CA GLN A 270 -4.97 -29.31 16.45
C GLN A 270 -6.08 -29.98 15.65
N ARG A 271 -7.01 -29.20 15.11
CA ARG A 271 -8.12 -29.78 14.36
C ARG A 271 -7.64 -30.41 13.06
N TRP A 272 -6.61 -29.84 12.43
CA TRP A 272 -6.08 -30.43 11.21
C TRP A 272 -5.47 -31.80 11.46
N GLU A 273 -4.68 -31.94 12.54
CA GLU A 273 -4.09 -33.22 12.87
C GLU A 273 -5.17 -34.28 13.08
N HIS A 274 -6.30 -33.90 13.67
CA HIS A 274 -7.39 -34.85 13.85
C HIS A 274 -8.03 -35.21 12.51
N LEU A 275 -8.18 -34.23 11.61
CA LEU A 275 -8.73 -34.55 10.30
C LEU A 275 -7.85 -35.56 9.57
N LYS A 276 -6.54 -35.35 9.60
CA LYS A 276 -5.63 -36.25 8.89
C LYS A 276 -5.73 -37.67 9.43
N LYS A 277 -5.85 -37.82 10.75
CA LYS A 277 -5.93 -39.16 11.32
C LYS A 277 -7.22 -39.86 10.91
N VAL A 278 -8.34 -39.15 10.99
CA VAL A 278 -9.62 -39.73 10.59
C VAL A 278 -9.61 -40.05 9.09
N ALA A 279 -9.11 -39.14 8.28
CA ALA A 279 -9.16 -39.33 6.83
C ALA A 279 -8.32 -40.53 6.41
N SER A 280 -7.16 -40.73 7.04
CA SER A 280 -6.32 -41.88 6.71
C SER A 280 -6.90 -43.19 7.20
N ARG A 281 -8.00 -43.15 7.97
N ARG A 281 -8.01 -43.16 7.94
CA ARG A 281 -8.68 -44.34 8.45
CA ARG A 281 -8.67 -44.38 8.41
C ARG A 281 -9.99 -44.62 7.71
C ARG A 281 -10.02 -44.60 7.76
N TYR A 282 -10.42 -43.72 6.84
CA TYR A 282 -11.66 -43.92 6.11
C TYR A 282 -11.50 -45.01 5.05
N GLN A 283 -12.49 -45.87 4.93
CA GLN A 283 -12.49 -46.95 3.95
C GLN A 283 -13.27 -46.49 2.72
N ASN A 284 -12.53 -46.19 1.64
CA ASN A 284 -13.17 -45.80 0.38
C ASN A 284 -13.81 -46.99 -0.29
N ASN A 285 -12.98 -47.95 -0.70
CA ASN A 285 -13.44 -49.14 -1.42
C ASN A 285 -13.60 -50.28 -0.43
N ILE A 286 -14.78 -50.92 -0.44
CA ILE A 286 -15.06 -51.98 0.51
C ILE A 286 -14.51 -53.31 0.04
N LYS A 287 -14.24 -53.46 -1.26
CA LYS A 287 -13.51 -54.61 -1.75
C LYS A 287 -12.21 -54.79 -0.96
N ASN A 288 -11.35 -53.79 -1.01
CA ASN A 288 -9.99 -53.89 -0.51
C ASN A 288 -9.88 -53.33 0.91
N ASP A 289 -8.74 -53.59 1.52
CA ASP A 289 -8.39 -53.08 2.83
C ASP A 289 -7.34 -51.98 2.69
N LYS A 290 -7.53 -51.10 1.72
CA LYS A 290 -6.54 -50.09 1.36
C LYS A 290 -6.96 -48.74 1.91
N TYR A 291 -6.03 -48.04 2.55
CA TYR A 291 -6.27 -46.74 3.16
C TYR A 291 -5.18 -45.78 2.75
N GLY A 292 -5.47 -44.48 2.84
CA GLY A 292 -4.52 -43.48 2.41
C GLY A 292 -4.95 -42.05 2.64
N PRO A 293 -4.07 -41.08 2.30
CA PRO A 293 -4.36 -39.68 2.59
C PRO A 293 -5.04 -38.93 1.45
N TRP A 294 -5.78 -39.62 0.59
CA TRP A 294 -6.38 -38.96 -0.56
C TRP A 294 -7.24 -37.77 -0.15
N LEU A 295 -8.06 -37.93 0.89
CA LEU A 295 -8.93 -36.84 1.32
C LEU A 295 -8.12 -35.64 1.80
N GLU A 296 -7.12 -35.89 2.64
CA GLU A 296 -6.25 -34.82 3.10
C GLU A 296 -5.63 -34.07 1.93
N TRP A 297 -5.16 -34.81 0.91
CA TRP A 297 -4.55 -34.16 -0.24
C TRP A 297 -5.58 -33.35 -1.02
N GLU A 298 -6.78 -33.89 -1.21
CA GLU A 298 -7.81 -33.18 -1.97
C GLU A 298 -8.19 -31.87 -1.28
N ILE A 299 -8.18 -31.84 0.04
CA ILE A 299 -8.49 -30.61 0.77
C ILE A 299 -7.38 -29.60 0.58
N MET A 300 -6.13 -30.02 0.76
N MET A 300 -6.13 -30.02 0.78
CA MET A 300 -5.00 -29.11 0.59
CA MET A 300 -5.00 -29.12 0.60
C MET A 300 -4.93 -28.57 -0.83
C MET A 300 -4.96 -28.57 -0.82
N LEU A 301 -5.24 -29.42 -1.82
CA LEU A 301 -5.21 -28.97 -3.20
C LEU A 301 -6.34 -27.99 -3.48
N GLN A 302 -7.54 -28.25 -2.96
CA GLN A 302 -8.65 -27.35 -3.22
C GLN A 302 -8.40 -25.96 -2.63
N TYR A 303 -7.66 -25.87 -1.53
CA TYR A 303 -7.41 -24.60 -0.87
C TYR A 303 -6.17 -23.88 -1.36
N CYS A 304 -5.23 -24.57 -2.01
CA CYS A 304 -3.91 -23.99 -2.28
C CYS A 304 -3.40 -24.17 -3.71
N PHE A 305 -3.94 -25.08 -4.49
CA PHE A 305 -3.34 -25.42 -5.79
C PHE A 305 -3.69 -24.36 -6.83
N PRO A 306 -2.77 -24.04 -7.75
CA PRO A 306 -3.03 -22.97 -8.72
C PRO A 306 -4.32 -23.16 -9.50
N ARG A 307 -5.03 -22.04 -9.67
CA ARG A 307 -6.24 -21.96 -10.47
C ARG A 307 -5.95 -21.01 -11.62
N LEU A 308 -5.77 -21.56 -12.82
CA LEU A 308 -5.37 -20.77 -13.97
C LEU A 308 -6.59 -20.15 -14.65
N ASP A 309 -6.43 -18.93 -15.15
CA ASP A 309 -7.41 -18.36 -16.08
C ASP A 309 -7.14 -19.03 -17.42
N ILE A 310 -7.82 -20.15 -17.67
CA ILE A 310 -7.37 -21.09 -18.71
C ILE A 310 -7.46 -20.45 -20.10
N ASN A 311 -8.53 -19.72 -20.37
CA ASN A 311 -8.74 -19.19 -21.73
C ASN A 311 -7.55 -18.34 -22.18
N VAL A 312 -6.84 -17.73 -21.23
CA VAL A 312 -5.69 -16.90 -21.59
C VAL A 312 -4.58 -17.75 -22.20
N SER A 313 -4.47 -19.01 -21.79
CA SER A 313 -3.38 -19.87 -22.24
C SER A 313 -3.70 -20.62 -23.52
N LYS A 314 -4.98 -20.85 -23.81
CA LYS A 314 -5.36 -21.79 -24.87
C LYS A 314 -5.29 -21.20 -26.27
N GLY A 315 -5.57 -19.90 -26.43
CA GLY A 315 -5.67 -19.30 -27.75
C GLY A 315 -4.40 -18.57 -28.14
N ILE A 316 -3.92 -18.86 -29.35
CA ILE A 316 -2.67 -18.27 -29.81
C ILE A 316 -2.83 -16.78 -30.07
N ASN A 317 -4.03 -16.30 -30.34
CA ASN A 317 -4.23 -14.89 -30.63
CA ASN A 317 -4.30 -14.90 -30.64
C ASN A 317 -4.50 -14.05 -29.40
N HIS A 318 -4.61 -14.66 -28.22
CA HIS A 318 -5.04 -13.94 -27.03
C HIS A 318 -4.03 -12.88 -26.61
N LEU A 319 -4.55 -11.70 -26.28
CA LEU A 319 -3.74 -10.61 -25.77
C LEU A 319 -3.46 -10.78 -24.29
N LEU A 320 -2.31 -10.27 -23.85
CA LEU A 320 -1.97 -10.23 -22.43
C LEU A 320 -1.23 -8.94 -22.14
N LYS A 321 -1.55 -8.35 -20.98
CA LYS A 321 -0.91 -7.10 -20.57
C LYS A 321 0.60 -7.21 -20.60
N SER A 322 1.24 -6.21 -21.19
CA SER A 322 2.69 -6.24 -21.35
C SER A 322 3.39 -6.09 -20.01
N PRO A 323 4.51 -6.78 -19.81
CA PRO A 323 5.43 -6.37 -18.75
C PRO A 323 5.79 -4.90 -18.88
N PHE A 324 5.91 -4.22 -17.73
CA PHE A 324 6.23 -2.80 -17.64
C PHE A 324 5.12 -1.90 -18.16
N SER A 325 3.95 -2.46 -18.46
CA SER A 325 2.75 -1.67 -18.63
C SER A 325 2.23 -1.24 -17.26
N VAL A 326 1.56 -0.11 -17.22
CA VAL A 326 0.85 0.30 -16.02
C VAL A 326 -0.47 -0.48 -15.94
N HIS A 327 -0.90 -0.79 -14.72
CA HIS A 327 -2.26 -1.24 -14.50
C HIS A 327 -3.10 -0.01 -14.18
N PRO A 328 -3.99 0.43 -15.05
CA PRO A 328 -4.65 1.73 -14.84
C PRO A 328 -5.50 1.81 -13.59
N LYS A 329 -5.98 0.67 -13.07
CA LYS A 329 -6.87 0.70 -11.91
C LYS A 329 -6.11 0.86 -10.60
N THR A 330 -4.80 0.60 -10.58
CA THR A 330 -3.98 0.77 -9.40
C THR A 330 -2.80 1.71 -9.58
N GLY A 331 -2.43 2.02 -10.83
CA GLY A 331 -1.21 2.75 -11.10
C GLY A 331 0.07 1.95 -10.96
N ARG A 332 -0.02 0.68 -10.55
CA ARG A 332 1.18 -0.13 -10.35
C ARG A 332 1.77 -0.56 -11.69
N ILE A 333 3.10 -0.64 -11.74
CA ILE A 333 3.80 -1.15 -12.91
C ILE A 333 3.79 -2.67 -12.86
N SER A 334 3.48 -3.32 -13.98
CA SER A 334 3.56 -4.77 -14.07
CA SER A 334 3.57 -4.77 -14.06
C SER A 334 5.03 -5.16 -14.15
N VAL A 335 5.61 -5.57 -13.03
CA VAL A 335 7.05 -5.79 -12.92
C VAL A 335 7.40 -7.26 -12.94
N PRO A 336 8.55 -7.64 -13.49
CA PRO A 336 9.02 -9.02 -13.37
C PRO A 336 9.26 -9.41 -11.91
N ILE A 337 9.07 -10.69 -11.63
CA ILE A 337 9.26 -11.27 -10.30
C ILE A 337 10.55 -12.08 -10.32
N ASP A 338 11.42 -11.84 -9.33
CA ASP A 338 12.68 -12.57 -9.19
C ASP A 338 12.39 -13.93 -8.58
N LEU A 339 12.62 -15.00 -9.36
CA LEU A 339 12.29 -16.34 -8.90
C LEU A 339 13.13 -16.77 -7.71
N GLN A 340 14.35 -16.25 -7.58
CA GLN A 340 15.16 -16.58 -6.43
C GLN A 340 14.69 -15.88 -5.16
N LYS A 341 13.69 -15.00 -5.25
CA LYS A 341 13.18 -14.26 -4.10
C LYS A 341 11.66 -14.26 -4.09
N VAL A 342 11.04 -15.32 -4.63
CA VAL A 342 9.59 -15.31 -4.80
C VAL A 342 8.88 -15.23 -3.47
N ASP A 343 9.45 -15.84 -2.42
CA ASP A 343 8.81 -15.80 -1.11
C ASP A 343 8.89 -14.43 -0.48
N GLN A 344 9.83 -13.59 -0.90
CA GLN A 344 9.97 -12.24 -0.38
C GLN A 344 9.12 -11.22 -1.14
N PHE A 345 8.53 -11.59 -2.28
CA PHE A 345 7.87 -10.61 -3.12
C PHE A 345 6.70 -9.96 -2.38
N ASP A 346 6.73 -8.64 -2.29
CA ASP A 346 5.64 -7.86 -1.69
C ASP A 346 4.95 -7.04 -2.77
N PRO A 347 3.72 -7.36 -3.15
CA PRO A 347 3.04 -6.52 -4.16
C PRO A 347 2.83 -5.08 -3.71
N PHE A 348 2.85 -4.80 -2.41
CA PHE A 348 2.63 -3.45 -1.92
C PHE A 348 3.90 -2.60 -1.89
N THR A 349 5.06 -3.18 -2.19
CA THR A 349 6.24 -2.39 -2.49
C THR A 349 6.39 -2.12 -3.98
N VAL A 350 5.56 -2.72 -4.83
CA VAL A 350 5.69 -2.49 -6.28
C VAL A 350 5.47 -1.02 -6.57
N PRO A 351 6.38 -0.34 -7.26
CA PRO A 351 6.19 1.10 -7.51
C PRO A 351 4.98 1.37 -8.40
N THR A 352 4.25 2.43 -8.05
CA THR A 352 3.28 3.01 -8.95
C THR A 352 3.98 3.98 -9.90
N ILE A 353 3.29 4.34 -10.97
CA ILE A 353 3.85 5.30 -11.91
C ILE A 353 4.02 6.65 -11.22
N SER A 354 3.08 7.03 -10.35
CA SER A 354 3.24 8.27 -9.61
C SER A 354 4.50 8.25 -8.75
N PHE A 355 4.78 7.10 -8.13
CA PHE A 355 5.89 7.01 -7.18
C PHE A 355 7.24 7.14 -7.90
N ILE A 356 7.43 6.46 -9.03
CA ILE A 356 8.72 6.54 -9.69
C ILE A 356 8.88 7.88 -10.41
N CYS A 357 7.78 8.50 -10.86
CA CYS A 357 7.89 9.84 -11.43
C CYS A 357 8.32 10.85 -10.39
N ARG A 358 7.85 10.68 -9.16
CA ARG A 358 8.29 11.52 -8.05
C ARG A 358 9.77 11.28 -7.74
N GLU A 359 10.18 10.01 -7.70
CA GLU A 359 11.59 9.70 -7.47
C GLU A 359 12.47 10.31 -8.55
N LEU A 360 12.03 10.24 -9.81
CA LEU A 360 12.89 10.62 -10.93
C LEU A 360 13.43 12.03 -10.76
N ASP A 361 12.62 12.94 -10.22
CA ASP A 361 12.96 14.35 -10.16
C ASP A 361 12.98 14.88 -8.73
N ALA A 362 13.02 14.00 -7.74
CA ALA A 362 13.18 14.42 -6.35
C ALA A 362 14.64 14.73 -6.06
N ILE A 363 14.87 15.75 -5.23
CA ILE A 363 16.22 16.12 -4.81
C ILE A 363 16.39 15.82 -3.33
N THR A 383 21.93 10.22 -14.92
CA THR A 383 20.98 10.80 -15.87
C THR A 383 19.54 10.44 -15.50
N ARG A 384 18.58 11.13 -16.12
CA ARG A 384 17.17 10.91 -15.84
C ARG A 384 16.70 9.66 -16.57
N ASP A 385 16.91 8.51 -15.93
CA ASP A 385 16.40 7.24 -16.42
C ASP A 385 16.02 6.38 -15.21
N TYR A 386 15.57 5.16 -15.49
CA TYR A 386 14.99 4.33 -14.45
C TYR A 386 15.98 3.96 -13.35
N LYS A 387 17.29 4.03 -13.63
CA LYS A 387 18.27 3.65 -12.63
C LYS A 387 18.22 4.55 -11.40
N LYS A 388 17.60 5.72 -11.51
CA LYS A 388 17.43 6.64 -10.39
C LYS A 388 16.16 6.34 -9.59
N THR A 389 15.45 5.27 -9.91
CA THR A 389 14.15 5.00 -9.33
C THR A 389 14.08 3.58 -8.79
N SER A 390 12.95 3.28 -8.14
CA SER A 390 12.64 1.97 -7.63
C SER A 390 12.33 0.95 -8.72
N LEU A 391 12.25 1.38 -9.98
CA LEU A 391 12.03 0.44 -11.07
C LEU A 391 13.29 -0.37 -11.38
N ALA A 392 14.46 0.13 -11.00
CA ALA A 392 15.74 -0.42 -11.40
C ALA A 392 15.86 -1.92 -11.11
N PRO A 393 15.64 -2.38 -9.87
CA PRO A 393 15.80 -3.82 -9.61
C PRO A 393 14.89 -4.70 -10.47
N TYR A 394 13.72 -4.21 -10.87
CA TYR A 394 12.83 -5.00 -11.70
C TYR A 394 13.35 -5.10 -13.14
N VAL A 395 14.00 -4.06 -13.64
CA VAL A 395 14.63 -4.14 -14.95
C VAL A 395 15.80 -5.12 -14.91
N LYS A 396 16.47 -5.23 -13.77
CA LYS A 396 17.60 -6.15 -13.66
C LYS A 396 17.15 -7.60 -13.74
N VAL A 397 16.01 -7.91 -13.12
CA VAL A 397 15.40 -9.23 -13.27
C VAL A 397 15.10 -9.49 -14.74
N PHE A 398 14.52 -8.51 -15.42
CA PHE A 398 14.23 -8.62 -16.84
C PHE A 398 15.49 -8.91 -17.64
N GLU A 399 16.59 -8.23 -17.30
CA GLU A 399 17.83 -8.39 -18.04
C GLU A 399 18.46 -9.76 -17.81
N HIS A 400 18.31 -10.32 -16.60
CA HIS A 400 18.79 -11.68 -16.35
C HIS A 400 18.06 -12.68 -17.23
N PHE A 401 16.77 -12.45 -17.46
CA PHE A 401 15.99 -13.32 -18.34
C PHE A 401 16.38 -13.12 -19.79
N LEU A 402 16.70 -11.88 -20.19
CA LEU A 402 17.13 -11.62 -21.55
C LEU A 402 18.51 -12.22 -21.82
N GLU A 403 19.40 -12.17 -20.83
CA GLU A 403 20.72 -12.74 -21.02
C GLU A 403 20.65 -14.24 -21.25
N ASN A 404 19.80 -14.94 -20.50
CA ASN A 404 19.61 -16.37 -20.72
C ASN A 404 19.11 -16.65 -22.13
N LEU A 405 18.17 -15.82 -22.62
CA LEU A 405 17.72 -15.98 -24.00
C LEU A 405 18.86 -15.77 -24.98
N ASP A 406 19.72 -14.78 -24.74
CA ASP A 406 20.85 -14.53 -25.63
C ASP A 406 21.80 -15.72 -25.64
N LYS A 407 22.19 -16.21 -24.46
CA LYS A 407 23.03 -17.40 -24.38
C LYS A 407 22.42 -18.56 -25.16
N SER A 408 21.10 -18.75 -25.05
CA SER A 408 20.46 -19.89 -25.69
C SER A 408 20.57 -19.83 -27.21
N ARG A 409 20.76 -18.64 -27.78
CA ARG A 409 20.85 -18.52 -29.22
C ARG A 409 22.29 -18.57 -29.73
N LYS A 410 23.28 -18.40 -28.85
CA LYS A 410 24.70 -18.39 -29.20
C LYS A 410 24.96 -18.11 -30.68
N PHE B 7 0.43 25.41 34.26
CA PHE B 7 -0.62 24.41 34.43
C PHE B 7 -0.37 23.55 35.67
N ASP B 8 -1.36 23.49 36.55
CA ASP B 8 -1.22 22.84 37.84
C ASP B 8 -1.58 21.36 37.72
N PRO B 9 -0.63 20.43 37.75
CA PRO B 9 -0.96 19.01 37.59
C PRO B 9 -1.47 18.33 38.85
N THR B 10 -1.46 19.00 40.00
CA THR B 10 -1.88 18.34 41.23
C THR B 10 -3.37 18.04 41.26
N GLU B 11 -4.14 18.64 40.35
CA GLU B 11 -5.56 18.34 40.22
C GLU B 11 -5.84 17.10 39.39
N LEU B 12 -4.84 16.58 38.67
CA LEU B 12 -5.12 15.56 37.65
C LEU B 12 -5.69 14.28 38.23
N PRO B 13 -5.15 13.72 39.31
CA PRO B 13 -5.69 12.43 39.80
C PRO B 13 -7.20 12.45 40.01
N GLU B 14 -7.74 13.43 40.74
CA GLU B 14 -9.18 13.44 40.98
C GLU B 14 -9.97 13.70 39.70
N LEU B 15 -9.44 14.54 38.79
CA LEU B 15 -10.14 14.80 37.55
C LEU B 15 -10.10 13.60 36.62
N LEU B 16 -8.96 12.89 36.58
CA LEU B 16 -8.86 11.70 35.76
C LEU B 16 -9.81 10.61 36.24
N LYS B 17 -9.94 10.44 37.56
CA LYS B 17 -10.86 9.44 38.09
C LYS B 17 -12.29 9.71 37.61
N LEU B 18 -12.69 10.98 37.63
CA LEU B 18 -14.03 11.35 37.15
C LEU B 18 -14.14 11.13 35.64
N TYR B 19 -13.12 11.57 34.90
CA TYR B 19 -13.13 11.43 33.45
C TYR B 19 -13.29 9.97 33.03
N TYR B 20 -12.47 9.09 33.60
CA TYR B 20 -12.52 7.68 33.22
C TYR B 20 -13.77 6.98 33.72
N ARG B 21 -14.47 7.53 34.72
CA ARG B 21 -15.69 6.90 35.20
C ARG B 21 -16.89 7.31 34.36
N ARG B 22 -16.96 8.57 33.92
CA ARG B 22 -18.20 9.12 33.38
C ARG B 22 -18.10 9.71 31.98
N LEU B 23 -16.90 9.99 31.46
CA LEU B 23 -16.79 10.73 30.22
C LEU B 23 -16.00 10.05 29.12
N PHE B 24 -14.96 9.28 29.45
CA PHE B 24 -14.17 8.65 28.40
C PHE B 24 -15.07 7.76 27.55
N PRO B 25 -15.03 7.88 26.21
CA PRO B 25 -16.00 7.14 25.36
C PRO B 25 -15.59 5.69 25.08
N TYR B 26 -15.77 4.84 26.09
CA TYR B 26 -15.29 3.47 26.01
C TYR B 26 -15.95 2.69 24.87
N SER B 27 -17.27 2.81 24.72
CA SER B 27 -17.96 2.01 23.72
C SER B 27 -17.49 2.35 22.31
N GLN B 28 -17.35 3.64 22.01
CA GLN B 28 -16.83 4.04 20.70
C GLN B 28 -15.36 3.65 20.54
N TYR B 29 -14.59 3.75 21.63
CA TYR B 29 -13.17 3.42 21.59
C TYR B 29 -12.96 1.94 21.27
N TYR B 30 -13.74 1.06 21.91
CA TYR B 30 -13.62 -0.36 21.64
C TYR B 30 -14.11 -0.69 20.23
N ARG B 31 -15.22 -0.09 19.81
CA ARG B 31 -15.67 -0.24 18.43
C ARG B 31 -14.53 0.03 17.46
N TRP B 32 -13.77 1.09 17.72
CA TRP B 32 -12.63 1.43 16.87
C TRP B 32 -11.61 0.29 16.85
N LEU B 33 -11.00 0.03 18.00
CA LEU B 33 -9.82 -0.83 18.06
C LEU B 33 -10.16 -2.31 17.96
N ASN B 34 -11.43 -2.68 18.08
CA ASN B 34 -11.86 -4.05 17.81
C ASN B 34 -12.08 -4.31 16.33
N TYR B 35 -12.19 -3.25 15.52
CA TYR B 35 -12.34 -3.35 14.07
C TYR B 35 -13.33 -4.46 13.68
N GLY B 36 -14.55 -4.31 14.16
CA GLY B 36 -15.64 -5.19 13.78
C GLY B 36 -15.64 -6.55 14.44
N GLY B 37 -14.56 -6.93 15.13
CA GLY B 37 -14.49 -8.22 15.78
C GLY B 37 -14.28 -9.40 14.86
N VAL B 38 -13.93 -9.16 13.60
CA VAL B 38 -13.85 -10.23 12.62
C VAL B 38 -12.51 -10.96 12.61
N ILE B 39 -11.43 -10.33 13.09
CA ILE B 39 -10.14 -10.97 13.22
C ILE B 39 -9.98 -11.42 14.67
N LYS B 40 -9.69 -12.71 14.86
CA LYS B 40 -9.49 -13.24 16.20
C LYS B 40 -8.30 -12.55 16.88
N ASN B 41 -8.52 -12.12 18.12
CA ASN B 41 -7.47 -11.59 19.00
C ASN B 41 -6.95 -10.22 18.57
N TYR B 42 -7.68 -9.49 17.70
CA TYR B 42 -7.14 -8.24 17.20
C TYR B 42 -7.06 -7.19 18.30
N PHE B 43 -8.05 -7.14 19.18
CA PHE B 43 -7.97 -6.24 20.33
C PHE B 43 -7.08 -6.81 21.42
N GLN B 44 -7.17 -8.12 21.66
CA GLN B 44 -6.42 -8.74 22.74
C GLN B 44 -4.91 -8.68 22.51
N HIS B 45 -4.46 -8.57 21.27
CA HIS B 45 -3.05 -8.52 20.95
C HIS B 45 -2.53 -7.09 20.76
N ARG B 46 -3.36 -6.09 21.04
CA ARG B 46 -2.97 -4.69 20.91
C ARG B 46 -2.16 -4.25 22.11
N GLU B 47 -1.05 -3.55 21.86
CA GLU B 47 -0.30 -2.94 22.94
C GLU B 47 -0.91 -1.60 23.32
N PHE B 48 -1.08 -1.38 24.62
CA PHE B 48 -1.31 -0.07 25.18
C PHE B 48 -0.15 0.28 26.12
N SER B 49 0.16 1.56 26.22
CA SER B 49 1.13 2.06 27.18
C SER B 49 0.44 3.10 28.06
N PHE B 50 0.62 2.98 29.37
CA PHE B 50 0.09 3.93 30.33
C PHE B 50 1.22 4.75 30.93
N THR B 51 1.03 6.06 30.99
CA THR B 51 1.93 6.93 31.74
C THR B 51 1.28 7.30 33.05
N LEU B 52 2.02 7.14 34.14
CA LEU B 52 1.53 7.44 35.47
C LEU B 52 2.09 8.79 35.92
N LYS B 53 2.07 9.05 37.23
CA LYS B 53 2.65 10.27 37.76
C LYS B 53 4.16 10.31 37.50
N ASP B 54 4.68 11.52 37.33
CA ASP B 54 6.12 11.74 37.24
C ASP B 54 6.72 11.16 35.96
N ASP B 55 5.95 11.15 34.88
CA ASP B 55 6.41 10.65 33.57
C ASP B 55 6.98 9.23 33.64
N ILE B 56 6.50 8.44 34.59
CA ILE B 56 6.81 7.02 34.65
C ILE B 56 5.76 6.29 33.83
N TYR B 57 6.20 5.37 32.97
CA TYR B 57 5.28 4.70 32.06
C TYR B 57 5.60 3.21 31.99
N ILE B 58 4.58 2.45 31.59
CA ILE B 58 4.67 1.00 31.46
C ILE B 58 4.10 0.64 30.09
N ARG B 59 4.84 -0.15 29.32
CA ARG B 59 4.30 -0.58 28.05
C ARG B 59 4.04 -2.08 28.06
N TYR B 60 3.54 -2.57 26.92
CA TYR B 60 3.13 -3.96 26.74
C TYR B 60 1.99 -4.34 27.67
N GLN B 61 1.09 -3.38 27.92
CA GLN B 61 -0.20 -3.67 28.52
C GLN B 61 -1.17 -4.13 27.44
N SER B 62 -2.06 -5.05 27.82
CA SER B 62 -3.08 -5.52 26.90
C SER B 62 -4.25 -6.06 27.71
N PHE B 63 -5.40 -6.18 27.05
CA PHE B 63 -6.67 -6.42 27.75
C PHE B 63 -7.52 -7.40 26.97
N ASN B 64 -8.40 -8.10 27.70
CA ASN B 64 -9.20 -9.16 27.07
C ASN B 64 -10.42 -8.63 26.34
N ASN B 65 -10.93 -7.46 26.71
CA ASN B 65 -12.18 -6.96 26.16
C ASN B 65 -12.47 -5.57 26.72
N GLN B 66 -13.63 -5.01 26.36
CA GLN B 66 -13.96 -3.65 26.78
C GLN B 66 -14.04 -3.54 28.29
N SER B 67 -14.77 -4.46 28.94
CA SER B 67 -14.91 -4.41 30.39
C SER B 67 -13.56 -4.47 31.09
N ASP B 68 -12.65 -5.30 30.57
CA ASP B 68 -11.33 -5.41 31.16
C ASP B 68 -10.55 -4.11 31.04
N LEU B 69 -10.68 -3.43 29.89
CA LEU B 69 -10.01 -2.15 29.70
C LEU B 69 -10.57 -1.09 30.64
N GLU B 70 -11.91 -1.02 30.74
CA GLU B 70 -12.54 -0.07 31.65
C GLU B 70 -12.04 -0.27 33.08
N LYS B 71 -12.04 -1.50 33.56
CA LYS B 71 -11.65 -1.77 34.93
C LYS B 71 -10.21 -1.38 35.20
N GLU B 72 -9.32 -1.65 34.24
CA GLU B 72 -7.90 -1.34 34.45
C GLU B 72 -7.63 0.15 34.34
N MET B 73 -8.32 0.84 33.43
CA MET B 73 -8.15 2.28 33.33
C MET B 73 -8.70 2.99 34.55
N GLN B 74 -9.81 2.50 35.09
CA GLN B 74 -10.38 3.09 36.29
C GLN B 74 -9.53 2.79 37.52
N LYS B 75 -8.86 1.63 37.54
CA LYS B 75 -7.99 1.29 38.65
C LYS B 75 -6.68 2.08 38.59
N MET B 76 -6.06 2.13 37.41
N MET B 76 -6.07 2.12 37.41
CA MET B 76 -4.76 2.77 37.28
CA MET B 76 -4.74 2.70 37.26
C MET B 76 -4.85 4.29 37.12
C MET B 76 -4.76 4.20 37.08
N ASN B 77 -5.97 4.81 36.63
N ASN B 77 -5.86 4.76 36.59
CA ASN B 77 -6.16 6.23 36.35
CA ASN B 77 -6.03 6.21 36.46
C ASN B 77 -4.92 6.83 35.68
C ASN B 77 -4.88 6.85 35.68
N PRO B 78 -4.57 6.35 34.49
CA PRO B 78 -3.37 6.86 33.80
C PRO B 78 -3.47 8.33 33.43
N TYR B 79 -2.34 9.03 33.55
CA TYR B 79 -2.26 10.40 33.08
C TYR B 79 -2.34 10.46 31.55
N LYS B 80 -1.79 9.46 30.88
CA LYS B 80 -1.72 9.45 29.43
C LYS B 80 -1.81 8.00 28.97
N ILE B 81 -2.42 7.80 27.80
CA ILE B 81 -2.54 6.49 27.18
C ILE B 81 -1.97 6.58 25.77
N ASP B 82 -1.07 5.66 25.43
CA ASP B 82 -0.52 5.52 24.10
C ASP B 82 -0.98 4.20 23.49
N ILE B 83 -1.16 4.20 22.17
CA ILE B 83 -1.56 3.01 21.42
C ILE B 83 -0.38 2.53 20.60
N GLY B 84 -0.15 1.22 20.60
CA GLY B 84 0.91 0.62 19.82
C GLY B 84 0.39 -0.36 18.78
N ALA B 85 1.21 -1.34 18.42
CA ALA B 85 0.84 -2.27 17.36
C ALA B 85 -0.02 -3.41 17.89
N VAL B 86 -0.59 -4.15 16.94
CA VAL B 86 -1.21 -5.45 17.21
C VAL B 86 -0.12 -6.50 17.00
N TYR B 87 0.12 -7.31 18.02
CA TYR B 87 1.25 -8.23 18.03
C TYR B 87 0.80 -9.65 17.74
N SER B 88 1.80 -10.53 17.57
CA SER B 88 1.55 -11.95 17.31
C SER B 88 1.05 -12.68 18.56
N HIS B 89 1.31 -12.12 19.74
CA HIS B 89 0.84 -12.68 21.00
C HIS B 89 0.31 -11.54 21.86
N ARG B 90 -0.32 -11.90 22.97
CA ARG B 90 -0.75 -10.89 23.93
C ARG B 90 0.46 -10.12 24.46
N PRO B 91 0.47 -8.78 24.35
CA PRO B 91 1.64 -8.04 24.87
C PRO B 91 1.91 -8.29 26.35
N ASN B 92 0.89 -8.43 27.19
CA ASN B 92 1.16 -8.64 28.61
C ASN B 92 1.64 -10.06 28.90
N GLN B 93 1.83 -10.89 27.87
CA GLN B 93 2.47 -12.19 28.01
C GLN B 93 3.81 -12.27 27.30
N HIS B 94 4.36 -11.13 26.83
CA HIS B 94 5.48 -11.17 25.90
C HIS B 94 6.72 -11.79 26.50
N ASN B 95 6.87 -11.74 27.83
CA ASN B 95 8.05 -12.33 28.46
C ASN B 95 8.03 -13.84 28.51
N THR B 96 6.88 -14.47 28.22
CA THR B 96 6.77 -15.92 28.20
C THR B 96 6.85 -16.48 26.79
N VAL B 97 7.05 -15.65 25.79
CA VAL B 97 7.16 -16.06 24.40
C VAL B 97 8.64 -16.29 24.08
N LYS B 98 8.93 -17.38 23.38
CA LYS B 98 10.33 -17.69 23.08
C LYS B 98 10.97 -16.52 22.33
N LEU B 99 12.23 -16.26 22.67
CA LEU B 99 12.92 -15.06 22.22
C LEU B 99 12.91 -14.94 20.70
N GLY B 100 12.16 -13.97 20.18
CA GLY B 100 12.13 -13.67 18.77
C GLY B 100 10.81 -13.96 18.09
N ALA B 101 9.89 -14.67 18.75
CA ALA B 101 8.58 -14.96 18.19
C ALA B 101 7.55 -13.87 18.47
N PHE B 102 7.85 -12.96 19.40
CA PHE B 102 6.94 -11.86 19.72
C PHE B 102 7.24 -10.71 18.75
N GLN B 103 6.32 -10.47 17.81
CA GLN B 103 6.57 -9.56 16.70
C GLN B 103 5.32 -8.75 16.39
N ALA B 104 5.51 -7.46 16.12
CA ALA B 104 4.42 -6.63 15.64
C ALA B 104 3.95 -7.12 14.29
N GLN B 105 2.63 -7.14 14.08
N GLN B 105 2.63 -7.17 14.11
CA GLN B 105 2.03 -7.65 12.86
CA GLN B 105 2.01 -7.65 12.88
C GLN B 105 1.20 -6.63 12.10
C GLN B 105 1.32 -6.54 12.11
N GLU B 106 0.53 -5.72 12.78
CA GLU B 106 -0.27 -4.69 12.12
C GLU B 106 -0.34 -3.45 13.00
N LYS B 107 -0.50 -2.30 12.35
CA LYS B 107 -0.76 -1.06 13.06
C LYS B 107 -1.19 -0.01 12.04
N GLU B 108 -2.06 0.88 12.50
CA GLU B 108 -2.42 2.05 11.71
C GLU B 108 -1.18 2.79 11.23
N LEU B 109 -1.26 3.32 10.03
CA LEU B 109 -0.27 4.28 9.55
C LEU B 109 -0.54 5.61 10.24
N VAL B 110 0.47 6.15 10.93
CA VAL B 110 0.26 7.34 11.75
C VAL B 110 1.24 8.43 11.38
N PHE B 111 0.82 9.67 11.60
CA PHE B 111 1.63 10.87 11.41
C PHE B 111 1.55 11.71 12.67
N ASP B 112 2.65 12.40 12.98
CA ASP B 112 2.75 13.26 14.14
C ASP B 112 3.48 14.53 13.72
N ILE B 113 2.79 15.66 13.78
CA ILE B 113 3.31 16.94 13.30
C ILE B 113 3.45 17.86 14.51
N ASP B 114 4.67 18.36 14.73
CA ASP B 114 5.00 19.20 15.88
C ASP B 114 5.34 20.61 15.41
N MET B 115 4.67 21.61 15.99
N MET B 115 4.66 21.60 15.98
CA MET B 115 4.94 22.98 15.59
CA MET B 115 4.91 23.00 15.63
C MET B 115 6.39 23.36 15.85
C MET B 115 6.37 23.37 15.87
N THR B 116 7.02 22.72 16.85
CA THR B 116 8.41 23.04 17.16
C THR B 116 9.32 22.82 15.95
N ASP B 117 8.95 21.93 15.04
CA ASP B 117 9.77 21.67 13.86
C ASP B 117 9.78 22.83 12.87
N TYR B 118 8.94 23.84 13.07
CA TYR B 118 8.91 25.02 12.20
C TYR B 118 9.57 26.24 12.84
N ASP B 119 10.30 26.07 13.94
CA ASP B 119 10.79 27.24 14.67
C ASP B 119 11.67 28.13 13.78
N ASP B 120 12.37 27.55 12.81
CA ASP B 120 13.21 28.35 11.93
C ASP B 120 12.40 29.27 11.01
N VAL B 121 11.10 29.01 10.86
CA VAL B 121 10.24 29.81 9.99
C VAL B 121 9.06 30.41 10.74
N ARG B 122 9.05 30.32 12.07
CA ARG B 122 8.07 30.95 12.93
C ARG B 122 8.70 32.15 13.63
N ARG B 123 8.02 33.30 13.59
CA ARG B 123 8.50 34.48 14.29
C ARG B 123 7.71 34.80 15.55
N CYS B 124 6.58 34.14 15.77
CA CYS B 124 5.71 34.45 16.90
C CYS B 124 5.96 33.59 18.13
N CYS B 125 6.37 32.34 17.94
CA CYS B 125 6.47 31.39 19.04
C CYS B 125 7.72 30.52 18.86
N SER B 126 8.07 29.80 19.92
CA SER B 126 9.15 28.84 19.86
C SER B 126 8.83 27.68 20.78
N SER B 127 9.55 26.57 20.58
CA SER B 127 9.46 25.37 21.42
C SER B 127 8.02 24.88 21.37
N ALA B 128 7.38 24.57 22.49
CA ALA B 128 6.05 23.99 22.50
C ALA B 128 4.93 25.03 22.50
N ASP B 129 5.27 26.32 22.48
CA ASP B 129 4.25 27.35 22.39
C ASP B 129 3.60 27.36 21.00
N ILE B 130 2.31 27.69 20.98
CA ILE B 130 1.57 27.93 19.74
C ILE B 130 0.70 29.16 19.96
N CYS B 131 0.24 29.74 18.86
CA CYS B 131 -0.64 30.90 18.94
C CYS B 131 -1.43 30.99 17.64
N PRO B 132 -2.46 31.85 17.60
CA PRO B 132 -3.24 31.99 16.36
C PRO B 132 -2.42 32.42 15.16
N LYS B 133 -1.26 33.03 15.36
CA LYS B 133 -0.47 33.51 14.23
C LYS B 133 0.30 32.40 13.53
N CYS B 134 0.50 31.24 14.18
CA CYS B 134 1.23 30.15 13.58
C CYS B 134 0.41 28.87 13.43
N TRP B 135 -0.78 28.78 14.02
CA TRP B 135 -1.56 27.55 13.91
C TRP B 135 -1.95 27.25 12.46
N THR B 136 -2.01 28.26 11.60
CA THR B 136 -2.31 28.03 10.19
C THR B 136 -1.33 27.07 9.54
N LEU B 137 -0.12 26.94 10.08
CA LEU B 137 0.81 25.93 9.60
C LEU B 137 0.20 24.54 9.71
N MET B 138 -0.57 24.28 10.78
CA MET B 138 -1.20 22.98 10.95
C MET B 138 -2.39 22.81 10.02
N THR B 139 -3.16 23.88 9.80
CA THR B 139 -4.23 23.82 8.82
C THR B 139 -3.69 23.41 7.46
N MET B 140 -2.59 24.03 7.04
CA MET B 140 -2.00 23.68 5.75
C MET B 140 -1.45 22.26 5.77
N ALA B 141 -0.85 21.84 6.88
CA ALA B 141 -0.30 20.50 6.96
C ALA B 141 -1.39 19.45 6.82
N ILE B 142 -2.53 19.67 7.49
CA ILE B 142 -3.64 18.71 7.43
C ILE B 142 -4.17 18.62 6.00
N ARG B 143 -4.42 19.76 5.37
CA ARG B 143 -5.00 19.74 4.03
C ARG B 143 -4.04 19.12 3.02
N ILE B 144 -2.75 19.41 3.13
CA ILE B 144 -1.77 18.89 2.18
C ILE B 144 -1.62 17.38 2.34
N ILE B 145 -1.37 16.94 3.58
CA ILE B 145 -1.19 15.51 3.82
C ILE B 145 -2.48 14.75 3.55
N ASP B 146 -3.62 15.27 4.05
CA ASP B 146 -4.86 14.53 3.88
C ASP B 146 -5.21 14.36 2.41
N ARG B 147 -5.01 15.40 1.59
CA ARG B 147 -5.35 15.28 0.18
C ARG B 147 -4.52 14.18 -0.49
N ALA B 148 -3.22 14.12 -0.18
CA ALA B 148 -2.36 13.08 -0.76
C ALA B 148 -2.78 11.70 -0.28
N LEU B 149 -3.05 11.55 1.03
CA LEU B 149 -3.46 10.24 1.54
C LEU B 149 -4.75 9.78 0.88
N LYS B 150 -5.71 10.71 0.72
CA LYS B 150 -6.99 10.38 0.09
C LYS B 150 -6.83 10.12 -1.39
N GLU B 151 -6.28 11.10 -2.12
CA GLU B 151 -6.30 11.09 -3.58
C GLU B 151 -5.12 10.33 -4.19
N ASP B 152 -3.91 10.53 -3.68
CA ASP B 152 -2.75 9.88 -4.30
C ASP B 152 -2.61 8.42 -3.87
N PHE B 153 -2.88 8.12 -2.60
CA PHE B 153 -2.75 6.76 -2.10
C PHE B 153 -4.07 6.00 -2.03
N GLY B 154 -5.19 6.69 -2.11
CA GLY B 154 -6.48 6.02 -2.04
C GLY B 154 -6.86 5.51 -0.66
N PHE B 155 -6.36 6.15 0.40
CA PHE B 155 -6.72 5.75 1.75
C PHE B 155 -8.04 6.42 2.15
N LYS B 156 -8.97 5.61 2.67
CA LYS B 156 -10.33 6.08 2.87
C LYS B 156 -10.68 6.40 4.32
N HIS B 157 -9.91 5.92 5.29
CA HIS B 157 -10.27 6.02 6.71
C HIS B 157 -9.14 6.72 7.46
N ARG B 158 -9.29 8.03 7.61
CA ARG B 158 -8.24 8.89 8.13
C ARG B 158 -8.82 9.71 9.28
N LEU B 159 -8.26 9.51 10.48
CA LEU B 159 -8.71 10.22 11.67
C LEU B 159 -7.63 11.23 12.08
N TRP B 160 -7.96 12.51 12.00
CA TRP B 160 -7.07 13.57 12.45
C TRP B 160 -7.44 13.98 13.87
N VAL B 161 -6.42 14.21 14.69
CA VAL B 161 -6.58 14.40 16.13
C VAL B 161 -5.65 15.52 16.58
N TYR B 162 -6.16 16.40 17.44
CA TYR B 162 -5.32 17.40 18.08
C TYR B 162 -4.47 16.72 19.15
N SER B 163 -3.17 16.98 19.14
CA SER B 163 -2.28 16.30 20.08
C SER B 163 -2.43 16.79 21.52
N GLY B 164 -3.10 17.93 21.74
CA GLY B 164 -3.29 18.46 23.06
C GLY B 164 -2.32 19.55 23.46
N ARG B 165 -1.25 19.76 22.68
CA ARG B 165 -0.33 20.85 22.98
C ARG B 165 0.13 21.56 21.70
N ARG B 166 1.02 20.93 20.93
CA ARG B 166 1.75 21.67 19.90
C ARG B 166 1.57 21.12 18.48
N GLY B 167 0.52 20.33 18.24
CA GLY B 167 0.34 19.83 16.88
C GLY B 167 -0.82 18.89 16.65
N VAL B 168 -0.70 18.05 15.62
CA VAL B 168 -1.79 17.18 15.19
C VAL B 168 -1.23 15.80 14.84
N HIS B 169 -2.13 14.81 14.93
CA HIS B 169 -1.85 13.43 14.57
C HIS B 169 -2.83 13.01 13.47
N CYS B 170 -2.41 12.05 12.64
CA CYS B 170 -3.32 11.37 11.73
C CYS B 170 -3.21 9.86 11.92
N TRP B 171 -4.37 9.20 11.97
CA TRP B 171 -4.46 7.74 12.03
C TRP B 171 -5.11 7.27 10.73
N VAL B 172 -4.37 6.56 9.90
CA VAL B 172 -4.92 5.96 8.69
C VAL B 172 -5.21 4.49 8.98
N CYS B 173 -6.49 4.10 8.86
CA CYS B 173 -6.97 2.87 9.46
C CYS B 173 -7.54 1.86 8.47
N ASP B 174 -7.38 2.07 7.16
CA ASP B 174 -7.80 1.06 6.19
C ASP B 174 -7.15 -0.28 6.51
N GLU B 175 -7.89 -1.37 6.29
CA GLU B 175 -7.32 -2.68 6.65
C GLU B 175 -6.06 -2.97 5.82
N SER B 176 -6.05 -2.55 4.56
CA SER B 176 -4.84 -2.75 3.75
C SER B 176 -3.66 -1.95 4.31
N VAL B 177 -3.93 -0.78 4.87
CA VAL B 177 -2.87 0.06 5.40
C VAL B 177 -2.30 -0.52 6.68
N ARG B 178 -3.15 -1.06 7.55
CA ARG B 178 -2.66 -1.62 8.80
C ARG B 178 -1.71 -2.78 8.58
N LYS B 179 -1.77 -3.43 7.42
CA LYS B 179 -0.91 -4.57 7.10
C LYS B 179 0.39 -4.16 6.42
N LEU B 180 0.59 -2.88 6.12
CA LEU B 180 1.79 -2.45 5.41
C LEU B 180 3.03 -2.60 6.27
N SER B 181 4.13 -2.98 5.62
CA SER B 181 5.41 -3.12 6.29
C SER B 181 6.05 -1.76 6.57
N SER B 182 7.05 -1.76 7.45
CA SER B 182 7.80 -0.54 7.71
C SER B 182 8.45 -0.01 6.44
N ALA B 183 8.92 -0.90 5.56
CA ALA B 183 9.54 -0.47 4.32
C ALA B 183 8.57 0.31 3.44
N VAL B 184 7.32 -0.15 3.34
CA VAL B 184 6.32 0.58 2.57
C VAL B 184 6.00 1.92 3.24
N ARG B 185 5.86 1.92 4.57
CA ARG B 185 5.56 3.16 5.28
C ARG B 185 6.63 4.21 5.02
N SER B 186 7.91 3.81 5.05
CA SER B 186 8.97 4.76 4.80
C SER B 186 8.91 5.32 3.39
N GLY B 187 8.48 4.52 2.42
CA GLY B 187 8.30 5.04 1.07
C GLY B 187 7.20 6.07 1.00
N ILE B 188 6.13 5.89 1.77
CA ILE B 188 5.06 6.88 1.83
C ILE B 188 5.60 8.19 2.39
N VAL B 189 6.37 8.11 3.48
CA VAL B 189 6.97 9.30 4.07
C VAL B 189 7.86 10.01 3.05
N GLU B 190 8.66 9.24 2.31
CA GLU B 190 9.54 9.85 1.31
C GLU B 190 8.75 10.58 0.24
N TYR B 191 7.68 9.95 -0.27
CA TYR B 191 6.83 10.59 -1.26
C TYR B 191 6.27 11.90 -0.74
N LEU B 192 5.95 11.97 0.55
CA LEU B 192 5.28 13.12 1.13
C LEU B 192 6.23 14.25 1.53
N SER B 193 7.53 14.04 1.49
CA SER B 193 8.49 14.95 2.11
C SER B 193 9.13 15.86 1.09
N LEU B 194 9.20 17.15 1.41
CA LEU B 194 9.90 18.13 0.59
C LEU B 194 10.91 18.99 1.36
N VAL B 195 10.77 19.12 2.67
CA VAL B 195 11.66 19.94 3.48
C VAL B 195 12.68 19.03 4.14
N LYS B 196 13.94 19.19 3.78
CA LYS B 196 15.01 18.31 4.25
C LYS B 196 16.20 19.14 4.72
N GLY B 197 16.78 18.73 5.85
CA GLY B 197 17.98 19.36 6.37
C GLY B 197 17.87 19.78 7.82
N GLY B 198 18.93 19.53 8.58
CA GLY B 198 19.02 19.99 9.96
C GLY B 198 19.31 21.47 10.03
N GLN B 199 19.71 21.90 11.22
CA GLN B 199 19.96 23.33 11.45
C GLN B 199 21.12 23.85 10.62
N ASP B 200 22.06 22.98 10.24
CA ASP B 200 23.19 23.41 9.42
C ASP B 200 22.82 23.64 7.97
N VAL B 201 21.60 23.31 7.56
CA VAL B 201 21.16 23.42 6.18
C VAL B 201 20.24 24.63 6.08
N LYS B 202 20.67 25.65 5.35
CA LYS B 202 19.91 26.90 5.27
C LYS B 202 18.76 26.79 4.26
N LYS B 203 19.06 26.31 3.06
CA LYS B 203 18.03 26.09 2.05
C LYS B 203 17.58 24.63 2.12
N LYS B 204 16.32 24.41 2.49
CA LYS B 204 15.81 23.08 2.77
C LYS B 204 14.94 22.50 1.67
N VAL B 205 14.67 23.26 0.61
CA VAL B 205 13.79 22.82 -0.47
C VAL B 205 14.45 23.13 -1.80
N HIS B 206 14.57 22.11 -2.64
CA HIS B 206 15.11 22.26 -3.98
C HIS B 206 14.15 21.58 -4.96
N LEU B 207 13.66 22.33 -5.94
CA LEU B 207 12.75 21.80 -6.94
C LEU B 207 13.48 21.59 -8.26
N SER B 208 13.11 20.53 -8.95
N SER B 208 13.11 20.53 -8.95
CA SER B 208 13.64 20.28 -10.28
CA SER B 208 13.60 20.26 -10.28
C SER B 208 12.74 20.93 -11.34
C SER B 208 12.79 21.04 -11.31
N GLU B 209 13.29 21.08 -12.54
CA GLU B 209 12.56 21.74 -13.61
C GLU B 209 11.20 21.08 -13.83
N LYS B 210 11.12 19.77 -13.62
CA LYS B 210 9.91 19.00 -13.88
C LYS B 210 9.11 18.91 -12.58
N ILE B 211 7.86 19.37 -12.64
CA ILE B 211 7.02 19.52 -11.45
C ILE B 211 6.05 18.34 -11.37
N HIS B 212 6.20 17.55 -10.32
CA HIS B 212 5.30 16.42 -10.08
C HIS B 212 3.95 16.94 -9.56
N PRO B 213 2.83 16.31 -9.95
CA PRO B 213 1.52 16.81 -9.51
C PRO B 213 1.37 16.97 -8.00
N PHE B 214 2.05 16.14 -7.20
CA PHE B 214 1.97 16.29 -5.75
C PHE B 214 2.52 17.64 -5.30
N ILE B 215 3.63 18.07 -5.89
CA ILE B 215 4.18 19.38 -5.57
C ILE B 215 3.22 20.48 -6.01
N ARG B 216 2.67 20.35 -7.22
CA ARG B 216 1.76 21.37 -7.72
C ARG B 216 0.54 21.52 -6.80
N LYS B 217 -0.10 20.40 -6.46
CA LYS B 217 -1.31 20.46 -5.66
C LYS B 217 -1.03 20.96 -4.24
N SER B 218 0.13 20.64 -3.69
CA SER B 218 0.49 21.18 -2.38
C SER B 218 0.73 22.68 -2.45
N ILE B 219 1.41 23.15 -3.49
CA ILE B 219 1.62 24.59 -3.67
C ILE B 219 0.28 25.30 -3.77
N ASN B 220 -0.68 24.71 -4.50
CA ASN B 220 -1.96 25.36 -4.68
C ASN B 220 -2.71 25.51 -3.35
N ILE B 221 -2.55 24.55 -2.43
CA ILE B 221 -3.15 24.70 -1.11
C ILE B 221 -2.47 25.83 -0.34
N ILE B 222 -1.13 25.88 -0.39
CA ILE B 222 -0.39 26.93 0.32
C ILE B 222 -0.78 28.30 -0.23
N LYS B 223 -0.93 28.41 -1.55
CA LYS B 223 -1.28 29.70 -2.15
C LYS B 223 -2.55 30.27 -1.55
N LYS B 224 -3.48 29.42 -1.10
CA LYS B 224 -4.73 29.93 -0.55
C LYS B 224 -4.50 30.65 0.77
N TYR B 225 -3.43 30.31 1.51
CA TYR B 225 -3.18 30.86 2.83
C TYR B 225 -1.97 31.78 2.91
N PHE B 226 -1.11 31.80 1.89
CA PHE B 226 0.22 32.37 2.05
C PHE B 226 0.15 33.85 2.40
N GLU B 227 -0.71 34.61 1.72
CA GLU B 227 -0.74 36.04 1.94
C GLU B 227 -1.09 36.38 3.39
N GLU B 228 -2.22 35.86 3.87
CA GLU B 228 -2.65 36.15 5.23
C GLU B 228 -1.70 35.57 6.26
N TYR B 229 -1.12 34.39 5.98
CA TYR B 229 -0.28 33.74 6.98
C TYR B 229 1.14 34.31 6.98
N ALA B 230 1.81 34.29 5.81
CA ALA B 230 3.23 34.63 5.77
C ALA B 230 3.46 36.14 5.69
N LEU B 231 2.64 36.84 4.93
CA LEU B 231 2.89 38.25 4.65
C LEU B 231 2.21 39.17 5.66
N VAL B 232 1.12 38.74 6.29
CA VAL B 232 0.45 39.54 7.30
C VAL B 232 0.77 39.02 8.69
N ASN B 233 0.32 37.81 9.01
CA ASN B 233 0.49 37.27 10.35
C ASN B 233 1.97 37.21 10.74
N GLN B 234 2.81 36.63 9.88
CA GLN B 234 4.22 36.47 10.19
C GLN B 234 5.09 37.61 9.69
N ASP B 235 4.62 38.38 8.70
CA ASP B 235 5.35 39.55 8.22
C ASP B 235 6.78 39.19 7.83
N ILE B 236 6.93 38.12 7.04
CA ILE B 236 8.24 37.54 6.80
C ILE B 236 9.19 38.49 6.08
N LEU B 237 8.67 39.54 5.46
CA LEU B 237 9.49 40.56 4.80
C LEU B 237 9.39 41.91 5.50
N GLU B 238 9.27 41.90 6.83
CA GLU B 238 9.04 43.13 7.57
C GLU B 238 10.25 44.04 7.55
N ASN B 239 11.43 43.49 7.81
CA ASN B 239 12.65 44.26 7.94
C ASN B 239 13.81 43.44 7.40
N LYS B 240 15.01 44.00 7.49
CA LYS B 240 16.18 43.36 6.88
C LYS B 240 16.60 42.12 7.66
N GLU B 241 16.40 42.10 8.98
CA GLU B 241 16.76 40.92 9.77
C GLU B 241 15.99 39.69 9.29
N SER B 242 14.73 39.88 8.90
CA SER B 242 13.90 38.76 8.49
C SER B 242 13.97 38.49 6.99
N TRP B 243 13.99 39.53 6.15
CA TRP B 243 14.01 39.28 4.72
C TRP B 243 15.38 38.79 4.25
N ASP B 244 16.44 39.04 5.01
CA ASP B 244 17.71 38.40 4.73
C ASP B 244 17.60 36.88 4.85
N LYS B 245 16.74 36.40 5.75
CA LYS B 245 16.51 34.96 5.85
C LYS B 245 15.92 34.41 4.56
N ILE B 246 15.13 35.23 3.86
CA ILE B 246 14.55 34.81 2.58
C ILE B 246 15.54 34.96 1.45
N LEU B 247 16.37 36.01 1.50
CA LEU B 247 17.41 36.15 0.47
C LEU B 247 18.44 35.03 0.56
N ALA B 248 18.60 34.44 1.75
CA ALA B 248 19.47 33.26 1.86
C ALA B 248 18.97 32.10 1.02
N LEU B 249 17.70 32.12 0.60
CA LEU B 249 17.10 31.04 -0.14
C LEU B 249 17.17 31.23 -1.66
N VAL B 250 17.82 32.29 -2.14
CA VAL B 250 17.85 32.60 -3.56
C VAL B 250 19.29 32.87 -3.97
N PRO B 251 19.59 32.80 -5.27
CA PRO B 251 20.96 33.02 -5.71
C PRO B 251 21.44 34.44 -5.41
N GLU B 252 22.76 34.57 -5.23
CA GLU B 252 23.34 35.85 -4.85
C GLU B 252 23.20 36.88 -5.96
N THR B 253 23.19 36.46 -7.22
CA THR B 253 23.21 37.41 -8.33
C THR B 253 21.98 38.29 -8.39
N ILE B 254 20.92 37.98 -7.63
CA ILE B 254 19.73 38.82 -7.58
C ILE B 254 19.55 39.50 -6.24
N HIS B 255 20.46 39.31 -5.29
CA HIS B 255 20.31 39.88 -3.96
C HIS B 255 20.20 41.40 -4.02
N ASP B 256 21.18 42.05 -4.65
CA ASP B 256 21.21 43.52 -4.65
C ASP B 256 19.94 44.10 -5.24
N GLU B 257 19.50 43.57 -6.39
CA GLU B 257 18.24 44.02 -6.98
C GLU B 257 17.10 43.92 -5.99
N LEU B 258 17.00 42.77 -5.30
CA LEU B 258 15.94 42.59 -4.32
C LEU B 258 16.17 43.46 -3.09
N GLN B 259 17.39 43.45 -2.55
CA GLN B 259 17.72 44.27 -1.39
C GLN B 259 17.26 45.71 -1.58
N GLN B 260 17.45 46.26 -2.79
CA GLN B 260 17.07 47.65 -3.03
C GLN B 260 15.57 47.79 -3.24
N SER B 261 14.95 46.84 -3.95
CA SER B 261 13.50 46.88 -4.11
C SER B 261 12.79 46.72 -2.77
N PHE B 262 13.44 46.05 -1.81
CA PHE B 262 12.86 45.92 -0.48
C PHE B 262 12.91 47.25 0.28
N GLN B 263 13.99 48.02 0.09
CA GLN B 263 14.11 49.29 0.79
C GLN B 263 13.06 50.29 0.30
N LYS B 264 12.81 50.33 -1.01
CA LYS B 264 11.86 51.27 -1.58
C LYS B 264 10.42 50.86 -1.33
N SER B 265 10.18 49.60 -0.98
CA SER B 265 8.84 49.13 -0.64
C SER B 265 8.59 49.33 0.85
N HIS B 266 7.31 49.27 1.22
CA HIS B 266 6.89 49.65 2.56
C HIS B 266 6.31 48.51 3.39
N ASN B 267 5.97 47.37 2.78
CA ASN B 267 5.38 46.28 3.54
C ASN B 267 5.69 44.95 2.87
N SER B 268 5.36 43.87 3.58
CA SER B 268 5.68 42.53 3.09
C SER B 268 4.92 42.20 1.81
N LEU B 269 3.67 42.65 1.71
CA LEU B 269 2.89 42.39 0.49
C LEU B 269 3.62 42.89 -0.75
N GLN B 270 4.09 44.15 -0.70
CA GLN B 270 4.74 44.73 -1.86
C GLN B 270 6.07 44.04 -2.14
N ARG B 271 6.84 43.72 -1.10
CA ARG B 271 8.13 43.08 -1.29
C ARG B 271 7.98 41.68 -1.86
N TRP B 272 6.90 40.97 -1.50
CA TRP B 272 6.66 39.66 -2.07
C TRP B 272 6.37 39.75 -3.56
N GLU B 273 5.55 40.73 -3.96
CA GLU B 273 5.23 40.89 -5.37
C GLU B 273 6.48 41.22 -6.18
N HIS B 274 7.39 42.02 -5.61
CA HIS B 274 8.67 42.25 -6.28
C HIS B 274 9.50 40.97 -6.35
N LEU B 275 9.49 40.19 -5.28
CA LEU B 275 10.26 38.94 -5.29
C LEU B 275 9.76 38.00 -6.37
N LYS B 276 8.44 37.91 -6.55
CA LYS B 276 7.89 36.99 -7.55
C LYS B 276 8.31 37.40 -8.96
N LYS B 277 8.31 38.69 -9.25
CA LYS B 277 8.72 39.14 -10.59
C LYS B 277 10.19 38.83 -10.84
N VAL B 278 11.06 39.24 -9.91
CA VAL B 278 12.49 38.98 -10.08
C VAL B 278 12.75 37.49 -10.23
N ALA B 279 12.13 36.67 -9.37
CA ALA B 279 12.36 35.23 -9.42
C ALA B 279 11.93 34.64 -10.76
N SER B 280 10.79 35.09 -11.29
CA SER B 280 10.27 34.53 -12.53
C SER B 280 11.09 34.95 -13.75
N ARG B 281 12.05 35.86 -13.60
CA ARG B 281 12.96 36.23 -14.67
C ARG B 281 14.39 35.78 -14.41
N TYR B 282 14.63 35.05 -13.33
CA TYR B 282 15.97 34.54 -13.07
C TYR B 282 16.28 33.40 -14.03
N GLN B 283 17.44 33.47 -14.69
CA GLN B 283 17.86 32.41 -15.60
C GLN B 283 18.57 31.34 -14.78
N ASN B 284 17.84 30.27 -14.45
CA ASN B 284 18.42 29.20 -13.65
C ASN B 284 19.57 28.52 -14.37
N ASN B 285 19.48 28.41 -15.69
CA ASN B 285 20.48 27.72 -16.49
C ASN B 285 20.72 28.55 -17.74
N ILE B 286 21.87 29.22 -17.80
CA ILE B 286 22.21 30.04 -18.95
C ILE B 286 22.23 29.23 -20.24
N LYS B 287 22.22 27.90 -20.15
CA LYS B 287 22.21 27.05 -21.32
C LYS B 287 20.84 26.97 -22.00
N ASN B 288 19.76 27.23 -21.26
CA ASN B 288 18.43 27.23 -21.84
C ASN B 288 17.75 28.56 -21.52
N ASP B 289 16.62 28.80 -22.18
CA ASP B 289 15.87 30.04 -22.07
C ASP B 289 14.55 29.81 -21.36
N LYS B 290 14.56 28.99 -20.31
CA LYS B 290 13.36 28.58 -19.61
C LYS B 290 13.25 29.32 -18.28
N TYR B 291 12.09 29.92 -18.04
CA TYR B 291 11.84 30.72 -16.85
C TYR B 291 10.61 30.18 -16.15
N GLY B 292 10.55 30.39 -14.82
CA GLY B 292 9.48 29.82 -14.05
C GLY B 292 9.46 30.22 -12.60
N PRO B 293 8.57 29.61 -11.83
CA PRO B 293 8.31 30.06 -10.46
C PRO B 293 9.02 29.23 -9.40
N TRP B 294 10.07 28.50 -9.78
CA TRP B 294 10.65 27.52 -8.87
C TRP B 294 11.13 28.16 -7.57
N LEU B 295 11.83 29.29 -7.66
CA LEU B 295 12.34 29.94 -6.45
C LEU B 295 11.19 30.39 -5.56
N GLU B 296 10.16 30.99 -6.15
CA GLU B 296 8.98 31.38 -5.38
C GLU B 296 8.38 30.18 -4.66
N TRP B 297 8.21 29.07 -5.38
CA TRP B 297 7.63 27.88 -4.78
C TRP B 297 8.52 27.33 -3.68
N GLU B 298 9.84 27.31 -3.91
CA GLU B 298 10.77 26.81 -2.90
C GLU B 298 10.66 27.60 -1.61
N ILE B 299 10.51 28.93 -1.70
CA ILE B 299 10.36 29.73 -0.50
C ILE B 299 9.04 29.38 0.20
N MET B 300 7.94 29.35 -0.55
N MET B 300 7.94 29.35 -0.55
CA MET B 300 6.65 29.04 0.04
CA MET B 300 6.65 29.04 0.04
C MET B 300 6.67 27.68 0.72
C MET B 300 6.65 27.68 0.71
N LEU B 301 7.28 26.69 0.07
CA LEU B 301 7.32 25.35 0.64
C LEU B 301 8.16 25.32 1.92
N GLN B 302 9.33 25.95 1.90
CA GLN B 302 10.18 25.93 3.08
C GLN B 302 9.49 26.58 4.27
N TYR B 303 8.64 27.57 4.03
CA TYR B 303 7.97 28.27 5.12
C TYR B 303 6.63 27.65 5.53
N CYS B 304 6.05 26.80 4.69
CA CYS B 304 4.66 26.37 4.90
C CYS B 304 4.41 24.88 4.72
N PHE B 305 5.28 24.12 4.09
CA PHE B 305 4.96 22.75 3.76
C PHE B 305 5.12 21.84 4.99
N PRO B 306 4.29 20.81 5.13
CA PRO B 306 4.35 19.98 6.35
C PRO B 306 5.72 19.39 6.62
N ARG B 307 6.14 19.52 7.86
CA ARG B 307 7.33 18.86 8.40
C ARG B 307 6.84 17.76 9.34
N LEU B 308 7.00 16.51 8.94
CA LEU B 308 6.49 15.39 9.71
C LEU B 308 7.56 14.86 10.66
N ASP B 309 7.13 14.43 11.84
CA ASP B 309 8.03 13.71 12.75
C ASP B 309 8.17 12.31 12.20
N ILE B 310 9.14 12.13 11.28
CA ILE B 310 9.10 10.99 10.37
C ILE B 310 9.14 9.67 11.14
N ASN B 311 9.95 9.59 12.21
CA ASN B 311 10.13 8.31 12.88
C ASN B 311 8.84 7.75 13.44
N VAL B 312 7.85 8.60 13.70
CA VAL B 312 6.55 8.11 14.16
C VAL B 312 5.88 7.27 13.07
N SER B 313 6.15 7.60 11.80
CA SER B 313 5.43 7.01 10.68
C SER B 313 6.09 5.74 10.17
N LYS B 314 7.41 5.60 10.30
CA LYS B 314 8.12 4.53 9.63
C LYS B 314 8.05 3.21 10.37
N GLY B 315 8.02 3.24 11.70
CA GLY B 315 8.13 2.04 12.50
C GLY B 315 6.78 1.46 12.89
N ILE B 316 6.58 0.17 12.58
CA ILE B 316 5.33 -0.51 12.89
C ILE B 316 5.05 -0.55 14.38
N ASN B 317 6.08 -0.52 15.22
N ASN B 317 6.09 -0.52 15.21
CA ASN B 317 5.90 -0.66 16.66
CA ASN B 317 5.96 -0.66 16.65
C ASN B 317 5.83 0.67 17.39
C ASN B 317 5.69 0.67 17.37
N HIS B 318 5.81 1.79 16.67
CA HIS B 318 5.87 3.09 17.35
C HIS B 318 4.58 3.41 18.08
N LEU B 319 4.72 3.91 19.31
CA LEU B 319 3.57 4.34 20.09
C LEU B 319 3.14 5.74 19.68
N LEU B 320 1.84 6.00 19.79
CA LEU B 320 1.30 7.34 19.60
C LEU B 320 0.21 7.57 20.63
N LYS B 321 0.17 8.77 21.19
CA LYS B 321 -0.82 9.07 22.21
C LYS B 321 -2.22 8.86 21.66
N SER B 322 -3.09 8.28 22.49
CA SER B 322 -4.41 7.88 22.07
C SER B 322 -5.32 9.10 21.84
N PRO B 323 -6.21 9.04 20.85
CA PRO B 323 -7.37 9.93 20.86
C PRO B 323 -8.08 9.86 22.21
N PHE B 324 -8.59 11.01 22.66
CA PHE B 324 -9.32 11.16 23.91
C PHE B 324 -8.46 10.91 25.14
N SER B 325 -7.15 10.77 24.97
CA SER B 325 -6.22 10.87 26.08
C SER B 325 -6.13 12.33 26.53
N VAL B 326 -5.78 12.53 27.79
CA VAL B 326 -5.42 13.86 28.26
C VAL B 326 -3.96 14.10 27.90
N HIS B 327 -3.62 15.35 27.55
CA HIS B 327 -2.23 15.74 27.45
C HIS B 327 -1.78 16.21 28.84
N PRO B 328 -0.92 15.47 29.53
CA PRO B 328 -0.67 15.79 30.95
C PRO B 328 -0.01 17.14 31.19
N LYS B 329 0.56 17.78 30.17
CA LYS B 329 1.21 19.06 30.37
C LYS B 329 0.27 20.24 30.17
N THR B 330 -0.90 20.04 29.57
CA THR B 330 -1.85 21.12 29.33
C THR B 330 -3.25 20.85 29.87
N GLY B 331 -3.59 19.60 30.20
CA GLY B 331 -4.93 19.26 30.57
C GLY B 331 -5.92 19.18 29.42
N ARG B 332 -5.50 19.46 28.20
CA ARG B 332 -6.38 19.39 27.05
C ARG B 332 -6.63 17.95 26.63
N ILE B 333 -7.84 17.70 26.14
CA ILE B 333 -8.20 16.39 25.58
C ILE B 333 -7.71 16.31 24.15
N SER B 334 -7.12 15.16 23.80
N SER B 334 -7.15 15.15 23.77
CA SER B 334 -6.77 14.83 22.42
CA SER B 334 -6.71 14.93 22.39
C SER B 334 -8.03 14.59 21.61
C SER B 334 -7.96 14.61 21.55
N VAL B 335 -8.56 15.65 20.99
CA VAL B 335 -9.85 15.54 20.32
C VAL B 335 -9.73 15.32 18.83
N PRO B 336 -10.61 14.51 18.23
CA PRO B 336 -10.68 14.45 16.76
C PRO B 336 -11.01 15.81 16.17
N ILE B 337 -10.50 16.03 14.96
CA ILE B 337 -10.67 17.28 14.23
C ILE B 337 -11.64 17.04 13.08
N ASP B 338 -12.72 17.85 13.03
CA ASP B 338 -13.69 17.76 11.95
C ASP B 338 -13.08 18.30 10.67
N LEU B 339 -12.80 17.42 9.72
CA LEU B 339 -12.15 17.83 8.48
C LEU B 339 -12.97 18.85 7.70
N GLN B 340 -14.29 18.84 7.88
CA GLN B 340 -15.13 19.82 7.22
C GLN B 340 -15.05 21.21 7.85
N LYS B 341 -14.39 21.33 9.00
CA LYS B 341 -14.26 22.60 9.70
C LYS B 341 -12.80 22.87 10.08
N VAL B 342 -11.86 22.38 9.28
CA VAL B 342 -10.46 22.40 9.69
C VAL B 342 -9.96 23.84 9.83
N ASP B 343 -10.40 24.73 8.93
CA ASP B 343 -9.98 26.13 9.05
C ASP B 343 -10.51 26.77 10.32
N GLN B 344 -11.59 26.24 10.88
CA GLN B 344 -12.17 26.76 12.10
C GLN B 344 -11.62 26.13 13.36
N PHE B 345 -10.72 25.14 13.25
CA PHE B 345 -10.25 24.47 14.45
C PHE B 345 -9.37 25.40 15.28
N ASP B 346 -9.61 25.41 16.58
CA ASP B 346 -9.05 26.42 17.48
C ASP B 346 -8.52 25.75 18.74
N PRO B 347 -7.21 25.45 18.79
CA PRO B 347 -6.68 24.79 19.98
C PRO B 347 -6.93 25.53 21.28
N PHE B 348 -7.01 26.86 21.24
CA PHE B 348 -7.14 27.63 22.47
C PHE B 348 -8.46 27.36 23.20
N THR B 349 -9.48 26.87 22.49
CA THR B 349 -10.77 26.59 23.10
C THR B 349 -11.10 25.10 23.13
N VAL B 350 -10.11 24.24 22.89
CA VAL B 350 -10.33 22.79 23.04
C VAL B 350 -10.64 22.49 24.50
N PRO B 351 -11.58 21.60 24.80
CA PRO B 351 -11.93 21.34 26.20
C PRO B 351 -10.77 20.78 27.01
N THR B 352 -10.65 21.27 28.23
CA THR B 352 -9.74 20.68 29.20
C THR B 352 -10.51 19.69 30.06
N ILE B 353 -9.76 18.81 30.73
CA ILE B 353 -10.40 17.84 31.61
C ILE B 353 -11.09 18.56 32.77
N SER B 354 -10.51 19.67 33.23
CA SER B 354 -11.15 20.44 34.29
C SER B 354 -12.50 21.00 33.82
N PHE B 355 -12.52 21.57 32.61
CA PHE B 355 -13.74 22.23 32.14
C PHE B 355 -14.88 21.24 31.97
N ILE B 356 -14.63 20.09 31.33
CA ILE B 356 -15.71 19.15 31.08
C ILE B 356 -16.14 18.46 32.36
N CYS B 357 -15.22 18.27 33.31
CA CYS B 357 -15.62 17.74 34.61
C CYS B 357 -16.52 18.71 35.35
N ARG B 358 -16.32 20.01 35.17
CA ARG B 358 -17.20 21.00 35.79
C ARG B 358 -18.58 20.98 35.14
N GLU B 359 -18.63 20.79 33.82
CA GLU B 359 -19.91 20.77 33.13
C GLU B 359 -20.81 19.65 33.64
N LEU B 360 -20.22 18.59 34.19
CA LEU B 360 -21.02 17.54 34.79
C LEU B 360 -21.82 18.06 35.98
N ASP B 361 -21.38 19.15 36.61
CA ASP B 361 -22.12 19.70 37.74
C ASP B 361 -23.49 20.22 37.31
N ALA B 362 -23.60 20.75 36.08
CA ALA B 362 -24.89 21.18 35.57
C ALA B 362 -25.88 20.02 35.43
N ILE B 363 -25.39 18.79 35.41
CA ILE B 363 -26.25 17.62 35.31
C ILE B 363 -26.88 17.34 36.68
N ASP B 385 -22.60 12.24 31.51
CA ASP B 385 -22.43 11.68 30.18
C ASP B 385 -21.86 12.73 29.22
N TYR B 386 -20.93 12.31 28.36
CA TYR B 386 -20.23 13.27 27.52
C TYR B 386 -21.17 14.08 26.64
N LYS B 387 -22.36 13.56 26.34
CA LYS B 387 -23.29 14.27 25.47
C LYS B 387 -23.75 15.59 26.10
N LYS B 388 -23.67 15.71 27.41
CA LYS B 388 -24.04 16.95 28.11
C LYS B 388 -22.82 17.81 28.42
N THR B 389 -21.70 17.61 27.70
CA THR B 389 -20.49 18.38 27.91
C THR B 389 -19.95 18.85 26.57
N SER B 390 -18.91 19.69 26.64
CA SER B 390 -18.25 20.19 25.43
C SER B 390 -17.49 19.11 24.69
N LEU B 391 -17.40 17.90 25.24
CA LEU B 391 -16.77 16.79 24.54
C LEU B 391 -17.68 16.22 23.45
N ALA B 392 -18.98 16.50 23.52
CA ALA B 392 -19.95 15.82 22.65
C ALA B 392 -19.64 15.95 21.17
N PRO B 393 -19.45 17.14 20.60
CA PRO B 393 -19.22 17.22 19.15
C PRO B 393 -17.96 16.50 18.69
N TYR B 394 -16.97 16.35 19.57
CA TYR B 394 -15.76 15.63 19.21
C TYR B 394 -15.98 14.12 19.18
N VAL B 395 -16.82 13.61 20.07
CA VAL B 395 -17.23 12.21 19.99
C VAL B 395 -18.05 11.98 18.73
N LYS B 396 -18.82 12.98 18.29
CA LYS B 396 -19.62 12.82 17.09
C LYS B 396 -18.73 12.67 15.86
N VAL B 397 -17.67 13.48 15.76
CA VAL B 397 -16.69 13.30 14.69
C VAL B 397 -16.17 11.87 14.71
N PHE B 398 -15.80 11.39 15.89
CA PHE B 398 -15.29 10.04 16.03
C PHE B 398 -16.31 9.01 15.56
N GLU B 399 -17.59 9.23 15.87
CA GLU B 399 -18.63 8.28 15.47
C GLU B 399 -18.83 8.25 13.96
N HIS B 400 -18.75 9.40 13.30
CA HIS B 400 -18.82 9.44 11.84
C HIS B 400 -17.68 8.61 11.24
N PHE B 401 -16.46 8.83 11.74
CA PHE B 401 -15.31 8.04 11.31
C PHE B 401 -15.54 6.55 11.51
N LEU B 402 -16.15 6.16 12.62
CA LEU B 402 -16.39 4.74 12.86
C LEU B 402 -17.50 4.20 11.97
N GLU B 403 -18.50 5.02 11.65
CA GLU B 403 -19.58 4.56 10.77
C GLU B 403 -19.06 4.30 9.35
N ASN B 404 -18.06 5.08 8.91
CA ASN B 404 -17.45 4.84 7.61
C ASN B 404 -16.60 3.57 7.62
N LEU B 405 -15.91 3.30 8.74
CA LEU B 405 -15.21 2.02 8.86
C LEU B 405 -16.19 0.86 8.84
N ASP B 406 -17.37 1.05 9.46
CA ASP B 406 -18.38 -0.01 9.47
C ASP B 406 -18.91 -0.30 8.08
N LYS B 407 -19.30 0.74 7.34
CA LYS B 407 -19.79 0.56 5.98
C LYS B 407 -18.83 -0.30 5.17
N SER B 408 -17.55 0.07 5.15
CA SER B 408 -16.59 -0.55 4.25
C SER B 408 -16.36 -2.03 4.55
N ARG B 409 -16.74 -2.52 5.72
CA ARG B 409 -16.52 -3.92 6.07
C ARG B 409 -17.64 -4.80 5.53
#